data_2HXH
#
_entry.id   2HXH
#
_cell.length_a   1.000
_cell.length_b   1.000
_cell.length_c   1.000
_cell.angle_alpha   90.00
_cell.angle_beta   90.00
_cell.angle_gamma   90.00
#
_symmetry.space_group_name_H-M   'P 1'
#
loop_
_entity.id
_entity.type
_entity.pdbx_description
1 polymer 'Tubulin alpha chain'
2 polymer 'Tubulin beta chain'
3 polymer 'Kinesin-like protein KIF1A'
4 non-polymer 'MAGNESIUM ION'
5 non-polymer "GUANOSINE-5'-TRIPHOSPHATE"
6 non-polymer "GUANOSINE-5'-DIPHOSPHATE"
7 non-polymer TAXOL
8 non-polymer "ADENOSINE-5'-DIPHOSPHATE"
#
loop_
_entity_poly.entity_id
_entity_poly.type
_entity_poly.pdbx_seq_one_letter_code
_entity_poly.pdbx_strand_id
1 'polypeptide(L)'
;MRECISIHVGQAGVQIGNACWELYCLEHGIQPDGQMPSDKTIGGGDDSFNTFFSETGAGKHVPRAVFVDLEPTVIDEVRT
GTYRQLFHPEQLITGKEDAANNYARGHYTIGKEIIDLVLDRIRKLADQCTGLQGFSVFHSFGGGTGSGFTSLLMERLSVD
YGKKSKLEFSIYPAPQVSTAVVEPYNSILTTHTTLEHSDCAFMVDNEAIYDICRRNLDIERPTYTNLNRLIGQIVSSITA
SLRFDGALNVDLTEFQTNLVPYPRAHFPLATYAPVISAEKAYHEQLSVAEITNACFEPANQMVKCDPRHGKYMACCLLYR
GDVVPKDVNAAIATIKTKRTIQFVDWCPTGFKVGINYEPPTVVPGGDLAKVQRAVCMLSNTTAIAEAWARLDHKFDLMYA
KRAFVHWYVGEGMEEGEFSEAREDMAALEKDYEEVGVDSVEGEGEEEGEEY
;
A
2 'polypeptide(L)'
;MREIVHIQAGQCGNQIGAKFWEVISDEHGIDPTGSYHGDSDLQLERINVYYNEAAGNKYVPRAILVDLEPGTMDSVRSGP
FGQIFRPDNFVFGQSGAGNNWAKGHYTEGAELVDSVLDVVRKESESCDCLQGFQLTHSLGGGTGSGMGTLLISKIREEYP
DRIMNTFSVVPSPKVSDTVVEPYNATLSVHQLVENTDETYCIDNEALYDICFRTLKLTTPTYGDLNHLVSATMSGVTTCL
RFPGQLNADLRKLAVNMVPFPRLHFFMPGFAPLTSRGSQQYRALTVPELTQQMFDAKNMMAACDPRHGRYLTVAAVFRGR
MSMKEVDEQMLNVQNKNSSYFVEWIPNNVKTAVCDIPPRGLKMSATFIGNSTAIQELFKRISEQFTAMFRRKAFLHWYTG
EGMDEMEFTEAESNMNDLVSEYQQYQDATADEQGEFEEEGEEDEA
;
B
3 'polypeptide(L)'
;MASMTGGQQMGRDPINMPGASVKVAVRVRPFNSREMSRDSKCIIQMSGSTTTIVNPKQPKETPKSFSFDYSYWSHTSPED
INYASQKQVYRDIGEEMLQHAFEGYNVCIFAYGQTGAGKSYTMMGKQEKDQQGIIPQLCEDLFSRINDTTNDNMSYSVEV
SYMEIYCERVRDLLNPKNKGNLRVREHPLLGPYVEDLSKLAVTSYNDIQDLMDSGNKARTVAATNMNETSSRSHAVFNII
FTQKRHDAETNITTEKVSKISLVDLAGSERADSTGAKGTRLKEGANINKSLTTLGKVISALAEMDSGPNKNKKKKKTDFI
PYRDSVLTWLLRENLGGNSRTAMVAALSPADINYDETLSTLRYADRAKQIRNTVSVNLELTAEEWKKKHHHHHH
;
C
#
loop_
_chem_comp.id
_chem_comp.type
_chem_comp.name
_chem_comp.formula
ADP non-polymer ADENOSINE-5'-DIPHOSPHATE 'C10 H15 N5 O10 P2'
GDP RNA linking GUANOSINE-5'-DIPHOSPHATE 'C10 H15 N5 O11 P2'
GTP non-polymer GUANOSINE-5'-TRIPHOSPHATE 'C10 H16 N5 O14 P3'
MG non-polymer 'MAGNESIUM ION' 'Mg 2'
TA1 non-polymer TAXOL 'C47 H51 N O14'
#
# COMPACT_ATOMS: atom_id res chain seq x y z
N ARG A 2 19.10 13.44 -33.54
CA ARG A 2 18.73 12.39 -34.55
C ARG A 2 18.12 11.15 -33.90
N GLU A 3 18.76 10.64 -32.85
CA GLU A 3 18.25 9.43 -32.19
C GLU A 3 17.23 9.74 -31.12
N CYS A 4 16.79 8.67 -30.45
CA CYS A 4 15.80 8.76 -29.38
C CYS A 4 15.97 7.57 -28.45
N ILE A 5 16.62 7.78 -27.31
CA ILE A 5 16.80 6.67 -26.36
C ILE A 5 15.42 6.23 -25.87
N SER A 6 15.40 5.11 -25.17
CA SER A 6 14.15 4.57 -24.64
C SER A 6 14.40 3.88 -23.31
N ILE A 7 13.54 4.17 -22.35
CA ILE A 7 13.65 3.60 -21.03
C ILE A 7 12.37 2.84 -20.69
N HIS A 8 12.45 1.52 -20.80
CA HIS A 8 11.31 0.67 -20.52
C HIS A 8 11.25 0.39 -19.02
N VAL A 9 10.31 1.03 -18.34
CA VAL A 9 10.18 0.87 -16.90
C VAL A 9 8.94 0.09 -16.44
N GLY A 10 9.17 -0.81 -15.49
CA GLY A 10 8.11 -1.64 -14.95
C GLY A 10 8.04 -2.96 -15.71
N GLN A 11 7.72 -4.05 -15.03
CA GLN A 11 7.63 -5.33 -15.73
C GLN A 11 6.96 -5.13 -17.05
N ALA A 12 5.74 -4.60 -17.02
CA ALA A 12 4.99 -4.37 -18.25
C ALA A 12 5.78 -3.61 -19.28
N GLY A 13 6.19 -2.40 -18.94
CA GLY A 13 6.97 -1.57 -19.86
C GLY A 13 8.14 -2.33 -20.42
N VAL A 14 8.50 -3.42 -19.74
CA VAL A 14 9.61 -4.26 -20.13
C VAL A 14 9.13 -5.38 -21.07
N GLN A 15 7.92 -5.90 -20.81
CA GLN A 15 7.34 -6.95 -21.63
C GLN A 15 7.01 -6.33 -22.99
N ILE A 16 6.37 -5.18 -22.92
CA ILE A 16 6.02 -4.42 -24.11
C ILE A 16 7.35 -4.06 -24.77
N GLY A 17 8.34 -3.78 -23.94
CA GLY A 17 9.65 -3.42 -24.44
C GLY A 17 10.25 -4.55 -25.25
N ASN A 18 10.28 -5.74 -24.66
CA ASN A 18 10.84 -6.89 -25.34
C ASN A 18 10.13 -7.05 -26.68
N ALA A 19 8.84 -6.74 -26.69
CA ALA A 19 8.01 -6.86 -27.89
C ALA A 19 8.34 -5.82 -28.96
N CYS A 20 8.23 -4.55 -28.60
CA CYS A 20 8.55 -3.46 -29.51
C CYS A 20 9.98 -3.66 -29.95
N TRP A 21 10.80 -4.15 -29.04
CA TRP A 21 12.19 -4.37 -29.38
C TRP A 21 12.35 -5.52 -30.33
N GLU A 22 11.41 -6.44 -30.30
CA GLU A 22 11.45 -7.59 -31.19
C GLU A 22 11.11 -7.10 -32.60
N LEU A 23 9.89 -6.61 -32.76
CA LEU A 23 9.46 -6.12 -34.05
C LEU A 23 10.60 -5.40 -34.74
N TYR A 24 11.38 -4.65 -33.98
CA TYR A 24 12.48 -3.89 -34.56
C TYR A 24 13.43 -4.69 -35.44
N CYS A 25 14.36 -5.41 -34.81
CA CYS A 25 15.32 -6.19 -35.57
C CYS A 25 14.63 -6.93 -36.70
N LEU A 26 13.43 -7.43 -36.40
CA LEU A 26 12.63 -8.18 -37.34
C LEU A 26 12.44 -7.49 -38.70
N GLU A 27 12.38 -6.16 -38.67
CA GLU A 27 12.19 -5.38 -39.89
C GLU A 27 13.45 -4.59 -40.23
N HIS A 28 14.58 -5.02 -39.67
CA HIS A 28 15.86 -4.37 -39.93
C HIS A 28 16.95 -5.40 -40.22
N GLY A 29 16.52 -6.66 -40.38
CA GLY A 29 17.43 -7.75 -40.70
C GLY A 29 18.59 -7.98 -39.74
N ILE A 30 18.35 -7.73 -38.47
CA ILE A 30 19.38 -7.91 -37.45
C ILE A 30 18.90 -8.99 -36.45
N GLN A 31 19.21 -10.23 -36.78
CA GLN A 31 18.87 -11.42 -36.00
C GLN A 31 19.34 -11.32 -34.54
N PRO A 32 19.06 -12.38 -33.74
CA PRO A 32 19.43 -12.45 -32.31
C PRO A 32 20.66 -11.69 -31.91
N ASP A 33 21.77 -12.06 -32.55
CA ASP A 33 23.07 -11.48 -32.31
C ASP A 33 23.59 -10.75 -33.55
N GLY A 34 23.39 -9.44 -33.59
CA GLY A 34 23.86 -8.65 -34.73
C GLY A 34 24.95 -7.67 -34.38
N HIS A 61 23.31 -5.69 -33.66
CA HIS A 61 24.31 -4.63 -33.46
C HIS A 61 24.38 -4.36 -31.97
N VAL A 62 23.64 -3.34 -31.53
CA VAL A 62 23.56 -2.91 -30.14
C VAL A 62 22.29 -2.07 -30.03
N PRO A 63 21.45 -2.36 -29.03
CA PRO A 63 20.21 -1.57 -28.87
C PRO A 63 20.50 -0.10 -28.65
N ARG A 64 19.59 0.58 -27.95
CA ARG A 64 19.80 2.00 -27.68
C ARG A 64 18.80 2.37 -26.62
N ALA A 65 18.67 1.53 -25.60
CA ALA A 65 17.72 1.76 -24.53
C ALA A 65 18.14 1.10 -23.23
N VAL A 66 17.26 1.15 -22.24
CA VAL A 66 17.55 0.52 -20.97
C VAL A 66 16.31 -0.15 -20.38
N PHE A 67 16.52 -0.98 -19.37
CA PHE A 67 15.43 -1.70 -18.72
C PHE A 67 15.47 -1.60 -17.19
N VAL A 68 14.42 -1.01 -16.62
CA VAL A 68 14.34 -0.83 -15.17
C VAL A 68 13.20 -1.57 -14.49
N ASP A 69 13.49 -2.17 -13.34
CA ASP A 69 12.50 -2.92 -12.57
C ASP A 69 13.05 -3.24 -11.18
N LEU A 70 12.16 -3.24 -10.19
CA LEU A 70 12.54 -3.52 -8.82
C LEU A 70 12.19 -4.96 -8.46
N GLU A 71 11.90 -5.76 -9.48
CA GLU A 71 11.61 -7.18 -9.33
C GLU A 71 12.54 -7.82 -10.35
N PRO A 72 13.59 -8.48 -9.88
CA PRO A 72 14.55 -9.11 -10.77
C PRO A 72 13.97 -10.10 -11.78
N THR A 73 13.22 -11.08 -11.29
CA THR A 73 12.67 -12.11 -12.16
C THR A 73 12.12 -11.68 -13.53
N VAL A 74 11.66 -10.44 -13.66
CA VAL A 74 11.11 -9.98 -14.95
C VAL A 74 12.13 -9.52 -15.99
N ILE A 75 13.10 -8.73 -15.55
CA ILE A 75 14.16 -8.23 -16.41
C ILE A 75 15.00 -9.44 -16.72
N ASP A 76 14.96 -10.41 -15.80
CA ASP A 76 15.68 -11.65 -15.98
C ASP A 76 15.13 -12.32 -17.24
N GLU A 77 13.82 -12.18 -17.48
CA GLU A 77 13.21 -12.78 -18.66
C GLU A 77 13.84 -12.27 -19.93
N VAL A 78 14.48 -11.12 -19.84
CA VAL A 78 15.15 -10.54 -20.99
C VAL A 78 16.57 -11.03 -20.93
N ARG A 79 16.94 -11.56 -19.77
CA ARG A 79 18.27 -12.11 -19.53
C ARG A 79 18.29 -13.62 -19.76
N THR A 80 17.12 -14.24 -19.77
CA THR A 80 17.01 -15.69 -19.95
C THR A 80 16.40 -16.02 -21.31
N GLY A 81 15.26 -15.39 -21.62
CA GLY A 81 14.58 -15.66 -22.87
C GLY A 81 15.19 -15.09 -24.14
N THR A 82 14.36 -14.97 -25.17
CA THR A 82 14.78 -14.48 -26.47
C THR A 82 15.45 -13.11 -26.34
N TYR A 83 16.13 -12.68 -27.40
CA TYR A 83 16.83 -11.41 -27.42
C TYR A 83 17.65 -11.27 -26.15
N ARG A 84 18.30 -12.37 -25.82
CA ARG A 84 19.14 -12.47 -24.62
C ARG A 84 20.47 -11.71 -24.73
N GLN A 85 21.22 -12.00 -25.80
CA GLN A 85 22.53 -11.36 -26.01
C GLN A 85 22.52 -10.10 -26.86
N LEU A 86 21.34 -9.59 -27.17
CA LEU A 86 21.25 -8.37 -27.97
C LEU A 86 21.32 -7.16 -27.04
N PHE A 87 21.51 -7.41 -25.75
CA PHE A 87 21.59 -6.33 -24.77
C PHE A 87 22.85 -6.42 -23.95
N HIS A 88 23.20 -5.29 -23.35
CA HIS A 88 24.36 -5.20 -22.49
C HIS A 88 23.87 -5.25 -21.07
N PRO A 89 24.41 -6.18 -20.28
CA PRO A 89 23.99 -6.29 -18.88
C PRO A 89 24.09 -4.94 -18.18
N GLU A 90 24.45 -3.92 -18.94
CA GLU A 90 24.60 -2.58 -18.42
C GLU A 90 23.33 -1.77 -18.63
N GLN A 91 22.56 -2.10 -19.67
CA GLN A 91 21.31 -1.39 -19.97
C GLN A 91 20.13 -2.19 -19.42
N LEU A 92 20.44 -3.05 -18.46
CA LEU A 92 19.45 -3.88 -17.78
C LEU A 92 19.59 -3.65 -16.28
N ILE A 93 18.84 -2.67 -15.76
CA ILE A 93 18.88 -2.33 -14.35
C ILE A 93 17.82 -3.09 -13.55
N THR A 94 18.23 -3.60 -12.39
CA THR A 94 17.34 -4.35 -11.51
C THR A 94 17.63 -4.04 -10.04
N GLY A 95 16.60 -4.15 -9.22
CA GLY A 95 16.76 -3.92 -7.79
C GLY A 95 16.19 -5.14 -7.10
N LYS A 96 17.01 -6.20 -7.01
CA LYS A 96 16.65 -7.47 -6.39
C LYS A 96 15.59 -7.34 -5.30
N GLU A 97 15.57 -6.17 -4.69
CA GLU A 97 14.64 -5.86 -3.61
C GLU A 97 13.19 -6.17 -3.92
N ASP A 98 12.32 -5.22 -3.64
CA ASP A 98 10.91 -5.45 -3.83
C ASP A 98 10.21 -4.45 -4.75
N ALA A 99 9.31 -4.96 -5.58
CA ALA A 99 8.57 -4.13 -6.51
C ALA A 99 7.53 -3.25 -5.79
N ALA A 100 6.51 -3.92 -5.23
CA ALA A 100 5.45 -3.25 -4.47
C ALA A 100 4.49 -2.53 -5.37
N ASN A 101 3.26 -3.01 -5.44
CA ASN A 101 2.32 -2.34 -6.33
C ASN A 101 1.85 -1.02 -5.79
N ASN A 102 2.79 -0.26 -5.28
CA ASN A 102 2.45 1.03 -4.74
C ASN A 102 3.46 2.11 -5.11
N TYR A 103 2.90 3.16 -5.71
CA TYR A 103 3.62 4.34 -6.15
C TYR A 103 4.70 4.69 -5.12
N ALA A 104 4.28 5.34 -4.05
CA ALA A 104 5.17 5.74 -2.97
C ALA A 104 6.47 4.97 -2.88
N ARG A 105 6.37 3.72 -2.49
CA ARG A 105 7.51 2.84 -2.35
C ARG A 105 8.38 2.87 -3.60
N GLY A 106 7.77 2.72 -4.75
CA GLY A 106 8.55 2.72 -5.96
C GLY A 106 9.17 4.06 -6.31
N HIS A 107 8.47 5.15 -6.02
CA HIS A 107 8.97 6.47 -6.32
C HIS A 107 9.97 6.86 -5.24
N TYR A 108 9.45 7.10 -4.04
CA TYR A 108 10.25 7.49 -2.88
C TYR A 108 11.10 6.33 -2.37
N THR A 109 10.84 5.90 -1.14
CA THR A 109 11.55 4.80 -0.48
C THR A 109 12.46 3.94 -1.36
N ILE A 110 11.95 2.82 -1.86
CA ILE A 110 12.82 1.96 -2.64
C ILE A 110 13.28 2.53 -3.97
N GLY A 111 12.37 2.65 -4.93
CA GLY A 111 12.74 3.18 -6.23
C GLY A 111 13.88 4.19 -6.25
N LYS A 112 13.99 4.97 -5.18
CA LYS A 112 15.03 6.00 -5.09
C LYS A 112 16.43 5.42 -5.26
N GLU A 113 16.77 4.47 -4.40
CA GLU A 113 18.07 3.83 -4.44
C GLU A 113 18.65 3.52 -5.82
N ILE A 114 17.79 3.09 -6.73
CA ILE A 114 18.21 2.71 -8.07
C ILE A 114 18.38 3.87 -9.05
N ILE A 115 17.46 4.83 -9.00
CA ILE A 115 17.44 5.97 -9.89
C ILE A 115 18.81 6.47 -10.34
N ASP A 116 19.67 6.87 -9.40
CA ASP A 116 21.01 7.34 -9.76
C ASP A 116 21.50 6.43 -10.87
N LEU A 117 21.83 5.20 -10.48
CA LEU A 117 22.31 4.18 -11.38
C LEU A 117 21.52 4.21 -12.67
N VAL A 118 20.19 4.22 -12.58
CA VAL A 118 19.35 4.25 -13.77
C VAL A 118 19.82 5.41 -14.63
N LEU A 119 19.68 6.62 -14.10
CA LEU A 119 20.09 7.82 -14.80
C LEU A 119 21.43 7.61 -15.48
N ASP A 120 22.42 7.24 -14.69
CA ASP A 120 23.76 7.01 -15.20
C ASP A 120 23.77 6.41 -16.59
N ARG A 121 22.92 5.42 -16.85
CA ARG A 121 22.89 4.81 -18.17
C ARG A 121 22.29 5.76 -19.22
N ILE A 122 21.23 6.45 -18.85
CA ILE A 122 20.58 7.37 -19.76
C ILE A 122 21.38 8.66 -19.88
N ARG A 123 22.59 8.64 -19.33
CA ARG A 123 23.52 9.76 -19.37
C ARG A 123 24.81 9.20 -20.00
N LYS A 124 24.97 7.89 -19.88
CA LYS A 124 26.12 7.18 -20.44
C LYS A 124 25.76 6.76 -21.86
N LEU A 125 24.48 6.46 -22.06
CA LEU A 125 23.96 6.05 -23.38
C LEU A 125 23.58 7.30 -24.16
N ALA A 126 23.32 8.39 -23.43
CA ALA A 126 22.93 9.65 -24.04
C ALA A 126 24.14 10.43 -24.56
N ASP A 127 25.32 10.07 -24.04
CA ASP A 127 26.55 10.70 -24.42
C ASP A 127 27.13 10.08 -25.67
N GLN A 128 27.32 8.75 -25.60
CA GLN A 128 27.86 7.97 -26.70
C GLN A 128 27.33 8.33 -28.09
N CYS A 129 26.06 8.69 -28.18
CA CYS A 129 25.42 9.04 -29.45
C CYS A 129 25.90 10.33 -30.14
N THR A 130 25.11 10.80 -31.11
CA THR A 130 25.41 12.02 -31.88
C THR A 130 24.15 12.87 -31.98
N GLY A 131 24.13 14.01 -31.28
CA GLY A 131 22.97 14.88 -31.31
C GLY A 131 21.68 14.08 -31.31
N LEU A 132 21.19 13.71 -30.13
CA LEU A 132 19.95 12.95 -29.99
C LEU A 132 18.73 13.87 -30.02
N GLN A 133 17.55 13.28 -29.88
CA GLN A 133 16.31 14.05 -29.90
C GLN A 133 15.47 13.83 -28.64
N GLY A 134 15.67 12.71 -27.97
CA GLY A 134 14.89 12.45 -26.78
C GLY A 134 14.87 10.99 -26.34
N PHE A 135 14.05 10.72 -25.32
CA PHE A 135 13.91 9.37 -24.77
C PHE A 135 12.49 8.83 -24.81
N SER A 136 12.26 7.80 -25.61
CA SER A 136 10.95 7.20 -25.67
C SER A 136 10.87 6.33 -24.43
N VAL A 137 10.08 6.77 -23.45
CA VAL A 137 9.89 6.08 -22.18
C VAL A 137 8.73 5.07 -22.24
N PHE A 138 8.91 3.87 -21.70
CA PHE A 138 7.84 2.87 -21.73
C PHE A 138 7.44 2.42 -20.33
N HIS A 139 6.29 2.88 -19.86
CA HIS A 139 5.82 2.50 -18.52
C HIS A 139 4.35 2.14 -18.48
N SER A 140 3.95 1.49 -17.40
CA SER A 140 2.58 1.04 -17.21
C SER A 140 1.78 1.74 -16.11
N PHE A 141 1.55 3.03 -16.30
CA PHE A 141 0.78 3.84 -15.37
C PHE A 141 0.44 3.28 -14.01
N GLY A 142 -0.41 2.26 -13.96
CA GLY A 142 -0.82 1.68 -12.69
C GLY A 142 -0.01 0.55 -12.09
N GLY A 143 1.27 0.79 -11.84
CA GLY A 143 2.10 -0.24 -11.26
C GLY A 143 2.90 0.36 -10.13
N GLY A 144 3.90 -0.36 -9.65
CA GLY A 144 4.73 0.16 -8.58
C GLY A 144 5.98 0.74 -9.20
N THR A 145 6.72 -0.12 -9.91
CA THR A 145 7.96 0.29 -10.57
C THR A 145 7.63 1.13 -11.78
N GLY A 146 6.44 0.94 -12.33
CA GLY A 146 6.08 1.70 -13.52
C GLY A 146 5.53 3.10 -13.30
N SER A 147 4.73 3.26 -12.26
CA SER A 147 4.14 4.53 -11.94
C SER A 147 5.16 5.36 -11.17
N GLY A 148 5.42 4.93 -9.94
CA GLY A 148 6.35 5.62 -9.07
C GLY A 148 7.67 5.91 -9.71
N PHE A 149 8.57 4.94 -9.70
CA PHE A 149 9.90 5.11 -10.28
C PHE A 149 9.96 6.14 -11.40
N THR A 150 9.46 5.77 -12.57
CA THR A 150 9.48 6.66 -13.72
C THR A 150 9.17 8.05 -13.27
N SER A 151 8.09 8.19 -12.52
CA SER A 151 7.69 9.50 -12.04
C SER A 151 8.94 10.33 -11.76
N LEU A 152 9.88 9.78 -11.01
CA LEU A 152 11.08 10.52 -10.73
C LEU A 152 12.17 10.39 -11.80
N LEU A 153 12.06 9.36 -12.65
CA LEU A 153 13.02 9.18 -13.71
C LEU A 153 12.78 10.29 -14.72
N MET A 154 11.56 10.39 -15.21
CA MET A 154 11.19 11.43 -16.13
C MET A 154 11.44 12.73 -15.42
N GLU A 155 11.22 12.70 -14.11
CA GLU A 155 11.39 13.86 -13.27
C GLU A 155 12.82 14.34 -13.40
N ARG A 156 13.77 13.47 -13.07
CA ARG A 156 15.19 13.82 -13.16
C ARG A 156 15.69 14.11 -14.59
N LEU A 157 14.90 13.75 -15.60
CA LEU A 157 15.25 13.99 -17.01
C LEU A 157 14.89 15.43 -17.40
N SER A 158 13.65 15.81 -17.15
CA SER A 158 13.18 17.13 -17.48
C SER A 158 14.12 18.22 -16.99
N VAL A 159 14.99 17.88 -16.05
CA VAL A 159 15.94 18.85 -15.53
C VAL A 159 17.32 18.67 -16.13
N ASP A 160 17.70 17.42 -16.36
CA ASP A 160 19.01 17.14 -16.91
C ASP A 160 19.08 17.33 -18.42
N TYR A 161 17.92 17.33 -19.08
CA TYR A 161 17.89 17.53 -20.52
C TYR A 161 16.62 18.27 -20.92
N GLY A 162 16.26 19.30 -20.17
CA GLY A 162 15.04 20.02 -20.53
C GLY A 162 14.98 20.32 -22.01
N LYS A 163 16.16 20.41 -22.61
CA LYS A 163 16.33 20.73 -24.02
C LYS A 163 16.17 19.55 -24.98
N LYS A 164 15.13 18.74 -24.77
CA LYS A 164 14.89 17.59 -25.64
C LYS A 164 13.42 17.17 -25.62
N SER A 165 13.16 16.01 -26.22
CA SER A 165 11.82 15.48 -26.26
C SER A 165 11.64 14.39 -25.23
N LYS A 166 10.48 14.43 -24.57
CA LYS A 166 10.13 13.46 -23.54
C LYS A 166 8.77 12.87 -23.90
N LEU A 167 8.77 11.94 -24.82
CA LEU A 167 7.54 11.30 -25.22
C LEU A 167 7.46 10.00 -24.44
N GLU A 168 6.51 9.93 -23.52
CA GLU A 168 6.36 8.71 -22.75
C GLU A 168 5.19 7.91 -23.26
N PHE A 169 5.48 6.67 -23.62
CA PHE A 169 4.48 5.76 -24.13
C PHE A 169 3.87 4.93 -23.00
N SER A 170 2.69 5.32 -22.56
CA SER A 170 2.02 4.63 -21.45
C SER A 170 0.90 3.64 -21.82
N ILE A 171 0.59 2.78 -20.86
CA ILE A 171 -0.44 1.75 -20.97
C ILE A 171 -1.32 2.03 -19.76
N TYR A 172 -2.15 3.05 -19.89
CA TYR A 172 -3.01 3.46 -18.80
C TYR A 172 -4.17 2.52 -18.53
N PRO A 173 -4.53 2.34 -17.23
CA PRO A 173 -5.57 1.54 -16.57
C PRO A 173 -6.80 1.13 -17.37
N ALA A 174 -7.02 -0.18 -17.50
CA ALA A 174 -8.17 -0.69 -18.23
C ALA A 174 -9.40 -0.10 -17.56
N PRO A 175 -10.30 0.48 -18.35
CA PRO A 175 -11.55 1.12 -17.88
C PRO A 175 -12.42 0.34 -16.88
N GLN A 176 -12.38 -0.99 -16.93
CA GLN A 176 -13.19 -1.80 -16.02
C GLN A 176 -12.43 -3.05 -15.63
N VAL A 177 -11.47 -3.40 -16.46
CA VAL A 177 -10.67 -4.59 -16.25
C VAL A 177 -9.29 -4.25 -15.72
N SER A 178 -9.24 -3.56 -14.58
CA SER A 178 -7.95 -3.22 -14.01
C SER A 178 -7.44 -4.47 -13.32
N THR A 179 -6.22 -4.41 -12.80
CA THR A 179 -5.66 -5.55 -12.13
C THR A 179 -5.43 -5.20 -10.66
N ALA A 180 -4.36 -4.46 -10.40
CA ALA A 180 -4.04 -4.05 -9.04
C ALA A 180 -5.29 -3.50 -8.39
N VAL A 181 -5.38 -3.65 -7.08
CA VAL A 181 -6.53 -3.18 -6.35
C VAL A 181 -6.46 -1.69 -6.19
N VAL A 182 -5.24 -1.18 -6.13
CA VAL A 182 -5.01 0.23 -5.96
C VAL A 182 -4.85 1.05 -7.23
N GLU A 183 -4.43 0.40 -8.32
CA GLU A 183 -4.23 1.01 -9.65
C GLU A 183 -4.39 2.53 -9.71
N PRO A 184 -5.60 3.07 -9.43
CA PRO A 184 -5.76 4.53 -9.48
C PRO A 184 -4.77 5.31 -8.60
N TYR A 185 -4.56 4.85 -7.38
CA TYR A 185 -3.61 5.53 -6.53
C TYR A 185 -2.33 5.67 -7.33
N ASN A 186 -1.88 4.57 -7.92
CA ASN A 186 -0.65 4.57 -8.70
C ASN A 186 -0.68 5.34 -10.01
N SER A 187 -1.87 5.61 -10.54
CA SER A 187 -1.99 6.30 -11.81
C SER A 187 -2.40 7.75 -11.71
N ILE A 188 -2.91 8.15 -10.57
CA ILE A 188 -3.26 9.54 -10.43
C ILE A 188 -1.96 10.18 -9.99
N LEU A 189 -1.06 9.33 -9.49
CA LEU A 189 0.25 9.76 -9.00
C LEU A 189 1.33 9.79 -10.04
N THR A 190 1.23 8.96 -11.07
CA THR A 190 2.24 8.97 -12.10
C THR A 190 1.90 10.07 -13.10
N THR A 191 0.64 10.46 -13.12
CA THR A 191 0.19 11.49 -14.04
C THR A 191 0.60 12.87 -13.56
N HIS A 192 0.37 13.15 -12.28
CA HIS A 192 0.67 14.45 -11.70
C HIS A 192 2.14 14.78 -11.58
N THR A 193 2.93 13.73 -11.38
CA THR A 193 4.37 13.89 -11.23
C THR A 193 5.08 13.95 -12.58
N THR A 194 4.51 13.30 -13.57
CA THR A 194 5.12 13.27 -14.89
C THR A 194 4.59 14.41 -15.77
N LEU A 195 3.36 14.83 -15.49
CA LEU A 195 2.69 15.89 -16.24
C LEU A 195 3.54 17.10 -16.56
N GLU A 196 4.24 17.57 -15.53
CA GLU A 196 5.08 18.74 -15.65
C GLU A 196 6.50 18.36 -16.11
N HIS A 197 6.61 17.23 -16.80
CA HIS A 197 7.90 16.75 -17.26
C HIS A 197 7.93 16.11 -18.66
N SER A 198 6.80 15.59 -19.13
CA SER A 198 6.75 14.96 -20.44
C SER A 198 6.50 15.95 -21.54
N ASP A 199 6.77 15.52 -22.76
CA ASP A 199 6.58 16.34 -23.95
C ASP A 199 5.26 15.94 -24.60
N CYS A 200 5.11 14.64 -24.81
CA CYS A 200 3.93 14.06 -25.42
C CYS A 200 3.82 12.67 -24.83
N ALA A 201 2.67 12.36 -24.24
CA ALA A 201 2.47 11.05 -23.66
C ALA A 201 1.51 10.23 -24.50
N PHE A 202 2.03 9.19 -25.14
CA PHE A 202 1.18 8.32 -25.95
C PHE A 202 0.46 7.37 -25.03
N MET A 203 -0.76 7.04 -25.39
CA MET A 203 -1.55 6.15 -24.55
C MET A 203 -2.17 5.01 -25.32
N VAL A 204 -2.04 3.82 -24.76
CA VAL A 204 -2.56 2.59 -25.33
C VAL A 204 -3.26 1.84 -24.19
N ASP A 205 -4.58 1.74 -24.31
CA ASP A 205 -5.42 1.09 -23.30
C ASP A 205 -5.39 -0.41 -23.41
N ASN A 206 -4.93 -1.08 -22.36
CA ASN A 206 -4.85 -2.53 -22.35
C ASN A 206 -6.16 -3.23 -22.73
N GLU A 207 -7.27 -2.86 -22.11
CA GLU A 207 -8.57 -3.48 -22.43
C GLU A 207 -9.04 -3.18 -23.84
N ALA A 208 -9.17 -1.91 -24.16
CA ALA A 208 -9.61 -1.49 -25.48
C ALA A 208 -8.77 -2.09 -26.62
N ILE A 209 -7.71 -2.80 -26.27
CA ILE A 209 -6.87 -3.46 -27.27
C ILE A 209 -7.40 -4.88 -27.40
N TYR A 210 -7.95 -5.40 -26.30
CA TYR A 210 -8.49 -6.73 -26.31
C TYR A 210 -9.65 -6.76 -27.29
N ASP A 211 -10.49 -5.73 -27.23
CA ASP A 211 -11.61 -5.66 -28.12
C ASP A 211 -11.10 -5.89 -29.51
N ILE A 212 -10.05 -5.17 -29.87
CA ILE A 212 -9.47 -5.31 -31.19
C ILE A 212 -9.07 -6.76 -31.45
N CYS A 213 -8.68 -7.48 -30.41
CA CYS A 213 -8.27 -8.88 -30.55
C CYS A 213 -9.47 -9.83 -30.63
N ARG A 214 -10.60 -9.33 -30.18
CA ARG A 214 -11.83 -10.09 -30.21
C ARG A 214 -12.60 -9.74 -31.48
N ARG A 215 -12.82 -8.44 -31.69
CA ARG A 215 -13.57 -7.92 -32.82
C ARG A 215 -12.85 -7.74 -34.14
N ASN A 216 -11.57 -7.42 -34.10
CA ASN A 216 -10.82 -7.20 -35.33
C ASN A 216 -9.67 -8.13 -35.55
N LEU A 217 -9.86 -9.41 -35.28
CA LEU A 217 -8.78 -10.36 -35.44
C LEU A 217 -9.28 -11.71 -34.97
N ASP A 218 -10.29 -11.66 -34.12
CA ASP A 218 -10.93 -12.84 -33.57
C ASP A 218 -9.98 -13.81 -32.87
N ILE A 219 -10.03 -13.80 -31.54
CA ILE A 219 -9.22 -14.66 -30.68
C ILE A 219 -9.54 -14.35 -29.23
N GLU A 220 -10.05 -15.35 -28.51
CA GLU A 220 -10.37 -15.14 -27.10
C GLU A 220 -9.17 -15.65 -26.30
N ARG A 221 -8.10 -15.93 -27.04
CA ARG A 221 -6.84 -16.41 -26.48
C ARG A 221 -5.74 -15.36 -26.69
N PRO A 222 -5.96 -14.12 -26.19
CA PRO A 222 -4.91 -13.12 -26.38
C PRO A 222 -3.94 -13.10 -25.21
N THR A 223 -2.73 -13.58 -25.43
CA THR A 223 -1.73 -13.57 -24.39
C THR A 223 -1.18 -12.17 -24.33
N TYR A 224 -0.66 -11.78 -23.17
CA TYR A 224 -0.07 -10.46 -23.02
C TYR A 224 0.89 -10.30 -24.18
N THR A 225 1.57 -11.40 -24.49
CA THR A 225 2.53 -11.41 -25.58
C THR A 225 1.94 -10.92 -26.91
N ASN A 226 0.63 -10.73 -26.95
CA ASN A 226 0.02 -10.25 -28.17
C ASN A 226 -0.16 -8.75 -28.12
N LEU A 227 -0.86 -8.28 -27.09
CA LEU A 227 -1.08 -6.86 -26.94
C LEU A 227 0.25 -6.21 -27.17
N ASN A 228 1.30 -6.87 -26.69
CA ASN A 228 2.64 -6.33 -26.85
C ASN A 228 3.05 -6.26 -28.33
N ARG A 229 2.65 -7.28 -29.10
CA ARG A 229 2.98 -7.33 -30.52
C ARG A 229 2.28 -6.20 -31.22
N LEU A 230 1.13 -5.84 -30.68
CA LEU A 230 0.34 -4.77 -31.23
C LEU A 230 0.99 -3.45 -30.96
N ILE A 231 1.07 -3.04 -29.70
CA ILE A 231 1.72 -1.77 -29.43
C ILE A 231 3.06 -1.89 -30.12
N GLY A 232 3.62 -3.09 -30.04
CA GLY A 232 4.90 -3.37 -30.64
C GLY A 232 4.86 -3.00 -32.10
N GLN A 233 3.66 -2.78 -32.62
CA GLN A 233 3.46 -2.40 -34.02
C GLN A 233 3.27 -0.89 -34.09
N ILE A 234 2.22 -0.40 -33.46
CA ILE A 234 1.91 1.02 -33.45
C ILE A 234 3.16 1.82 -33.09
N VAL A 235 3.98 1.29 -32.20
CA VAL A 235 5.20 1.96 -31.79
C VAL A 235 6.21 1.96 -32.93
N SER A 236 6.27 0.86 -33.66
CA SER A 236 7.22 0.76 -34.76
C SER A 236 6.96 1.84 -35.77
N SER A 237 5.71 2.28 -35.83
CA SER A 237 5.28 3.31 -36.75
C SER A 237 5.71 4.70 -36.28
N ILE A 238 5.87 4.82 -34.97
CA ILE A 238 6.29 6.06 -34.39
C ILE A 238 7.77 6.25 -34.72
N THR A 239 8.64 5.71 -33.87
CA THR A 239 10.09 5.84 -34.04
C THR A 239 10.60 5.12 -35.27
N ALA A 240 10.91 3.84 -35.09
CA ALA A 240 11.46 3.01 -36.15
C ALA A 240 11.42 3.65 -37.55
N SER A 241 10.31 3.40 -38.24
CA SER A 241 10.07 3.88 -39.60
C SER A 241 10.11 5.38 -39.82
N LEU A 242 9.63 6.15 -38.86
CA LEU A 242 9.61 7.59 -39.02
C LEU A 242 11.03 8.17 -39.03
N ARG A 243 11.84 7.76 -38.06
CA ARG A 243 13.22 8.20 -37.98
C ARG A 243 13.92 7.66 -39.20
N PHE A 244 13.16 6.90 -39.99
CA PHE A 244 13.60 6.27 -41.23
C PHE A 244 13.10 7.13 -42.42
N ASP A 245 13.99 7.41 -43.36
CA ASP A 245 13.71 8.21 -44.56
C ASP A 245 12.34 7.91 -45.15
N GLY A 246 11.80 8.87 -45.91
CA GLY A 246 10.49 8.66 -46.51
C GLY A 246 10.08 9.84 -47.36
N ALA A 247 8.87 9.79 -47.90
CA ALA A 247 8.37 10.87 -48.75
C ALA A 247 7.79 12.05 -47.99
N LEU A 248 7.67 11.90 -46.67
CA LEU A 248 7.15 12.99 -45.83
C LEU A 248 7.59 12.92 -44.36
N ASN A 249 8.87 12.62 -44.14
CA ASN A 249 9.45 12.49 -42.82
C ASN A 249 8.81 13.33 -41.73
N VAL A 250 8.84 12.79 -40.51
CA VAL A 250 8.31 13.43 -39.32
C VAL A 250 9.20 13.15 -38.12
N ASP A 251 9.95 14.16 -37.69
CA ASP A 251 10.87 14.08 -36.57
C ASP A 251 10.10 13.90 -35.25
N LEU A 252 10.78 13.51 -34.17
CA LEU A 252 10.09 13.36 -32.90
C LEU A 252 9.58 14.70 -32.46
N THR A 253 10.44 15.71 -32.51
CA THR A 253 10.01 17.04 -32.13
C THR A 253 8.69 17.26 -32.86
N GLU A 254 8.72 17.10 -34.18
CA GLU A 254 7.53 17.27 -35.02
C GLU A 254 6.27 16.95 -34.24
N PHE A 255 6.24 15.76 -33.65
CA PHE A 255 5.09 15.34 -32.88
C PHE A 255 4.66 16.42 -31.93
N GLN A 256 5.25 16.40 -30.74
CA GLN A 256 4.91 17.36 -29.73
C GLN A 256 4.50 18.71 -30.32
N THR A 257 5.19 19.16 -31.36
CA THR A 257 4.84 20.44 -31.98
C THR A 257 3.47 20.35 -32.63
N ASN A 258 3.36 19.47 -33.62
CA ASN A 258 2.10 19.31 -34.34
C ASN A 258 1.05 18.56 -33.52
N LEU A 259 1.44 18.03 -32.37
CA LEU A 259 0.51 17.25 -31.53
C LEU A 259 0.05 17.79 -30.17
N VAL A 260 0.79 18.69 -29.55
CA VAL A 260 0.32 19.22 -28.28
C VAL A 260 -0.02 20.70 -28.41
N PRO A 261 -1.27 21.05 -28.08
CA PRO A 261 -1.66 22.43 -28.19
C PRO A 261 -1.25 23.14 -26.94
N TYR A 262 -1.12 22.38 -25.85
CA TYR A 262 -0.75 23.00 -24.57
C TYR A 262 0.18 22.22 -23.66
N PRO A 263 1.10 22.92 -23.01
CA PRO A 263 2.13 22.40 -22.10
C PRO A 263 1.79 21.17 -21.29
N ARG A 264 0.53 20.96 -20.93
CA ARG A 264 0.21 19.75 -20.19
C ARG A 264 0.80 18.68 -21.10
N ALA A 265 1.64 17.80 -20.54
CA ALA A 265 2.28 16.73 -21.30
C ALA A 265 1.32 15.92 -22.14
N HIS A 266 0.28 16.61 -22.59
CA HIS A 266 -0.81 16.06 -23.37
C HIS A 266 -0.61 14.67 -23.90
N PHE A 267 -1.68 13.91 -23.76
CA PHE A 267 -1.68 12.52 -24.09
C PHE A 267 -2.51 12.14 -25.30
N PRO A 268 -1.87 11.95 -26.46
CA PRO A 268 -2.69 11.54 -27.60
C PRO A 268 -2.97 10.03 -27.47
N LEU A 269 -3.72 9.47 -28.42
CA LEU A 269 -4.06 8.03 -28.42
C LEU A 269 -3.47 7.34 -29.63
N ALA A 270 -3.03 6.10 -29.49
CA ALA A 270 -2.46 5.40 -30.64
C ALA A 270 -3.50 4.56 -31.32
N THR A 271 -3.46 4.51 -32.65
CA THR A 271 -4.44 3.75 -33.44
C THR A 271 -3.73 3.15 -34.63
N TYR A 272 -4.14 1.97 -35.05
CA TYR A 272 -3.50 1.38 -36.20
C TYR A 272 -4.58 1.02 -37.20
N ALA A 273 -4.27 1.00 -38.50
CA ALA A 273 -5.35 0.68 -39.44
C ALA A 273 -5.51 -0.78 -39.87
N PRO A 274 -4.58 -1.29 -40.69
CA PRO A 274 -4.77 -2.69 -41.10
C PRO A 274 -4.57 -3.68 -39.98
N VAL A 275 -5.56 -3.77 -39.09
CA VAL A 275 -5.48 -4.71 -37.98
C VAL A 275 -6.31 -5.88 -38.40
N ILE A 276 -6.05 -6.39 -39.59
CA ILE A 276 -6.81 -7.53 -40.06
C ILE A 276 -6.09 -8.85 -39.71
N SER A 277 -6.85 -9.92 -39.57
CA SER A 277 -6.32 -11.23 -39.21
C SER A 277 -5.61 -12.01 -40.30
N ALA A 278 -4.41 -12.51 -40.03
CA ALA A 278 -3.66 -13.25 -41.04
C ALA A 278 -4.08 -14.69 -41.13
N GLU A 279 -5.37 -14.93 -41.29
CA GLU A 279 -5.88 -16.29 -41.41
C GLU A 279 -7.30 -16.25 -41.86
N LYS A 280 -8.12 -15.64 -41.03
CA LYS A 280 -9.54 -15.53 -41.30
C LYS A 280 -9.84 -14.87 -42.62
N ALA A 281 -10.34 -13.65 -42.51
CA ALA A 281 -10.72 -12.85 -43.67
C ALA A 281 -9.52 -12.44 -44.47
N TYR A 282 -9.76 -12.05 -45.71
CA TYR A 282 -8.71 -11.58 -46.59
C TYR A 282 -9.15 -10.70 -47.69
N HIS A 283 -9.15 -9.42 -47.36
CA HIS A 283 -9.51 -8.41 -48.32
C HIS A 283 -8.26 -7.53 -48.30
N GLU A 284 -7.26 -7.92 -47.49
CA GLU A 284 -5.98 -7.20 -47.37
C GLU A 284 -5.91 -5.95 -48.25
N GLN A 285 -5.83 -6.14 -49.57
CA GLN A 285 -5.78 -5.02 -50.53
C GLN A 285 -6.89 -4.05 -50.24
N LEU A 286 -6.63 -3.19 -49.26
CA LEU A 286 -7.60 -2.24 -48.81
C LEU A 286 -7.06 -0.82 -49.01
N SER A 287 -7.01 -0.37 -50.26
CA SER A 287 -6.47 0.94 -50.59
C SER A 287 -6.66 1.97 -49.50
N VAL A 288 -5.71 2.90 -49.47
CA VAL A 288 -5.70 4.00 -48.51
C VAL A 288 -7.10 4.40 -48.12
N ALA A 289 -7.83 4.91 -49.09
CA ALA A 289 -9.19 5.37 -48.90
C ALA A 289 -9.93 4.57 -47.84
N GLU A 290 -9.54 3.31 -47.63
CA GLU A 290 -10.18 2.47 -46.63
C GLU A 290 -9.50 2.46 -45.29
N ILE A 291 -8.22 2.12 -45.27
CA ILE A 291 -7.44 2.07 -44.03
C ILE A 291 -7.46 3.35 -43.18
N THR A 292 -7.73 4.49 -43.82
CA THR A 292 -7.76 5.75 -43.12
C THR A 292 -9.10 5.97 -42.46
N ASN A 293 -10.13 5.43 -43.07
CA ASN A 293 -11.45 5.61 -42.52
C ASN A 293 -11.53 4.66 -41.32
N ALA A 294 -10.76 3.59 -41.39
CA ALA A 294 -10.74 2.58 -40.34
C ALA A 294 -10.02 3.02 -39.09
N CYS A 295 -9.54 4.25 -39.08
CA CYS A 295 -8.84 4.74 -37.92
C CYS A 295 -9.78 5.50 -37.02
N PHE A 296 -10.71 6.23 -37.62
CA PHE A 296 -11.66 7.02 -36.82
C PHE A 296 -12.85 6.26 -36.25
N GLU A 297 -13.12 5.06 -36.73
CA GLU A 297 -14.20 4.30 -36.14
C GLU A 297 -13.62 3.94 -34.78
N PRO A 298 -14.33 4.28 -33.71
CA PRO A 298 -13.87 3.99 -32.35
C PRO A 298 -13.47 2.55 -31.99
N ALA A 299 -13.89 1.57 -32.78
CA ALA A 299 -13.56 0.21 -32.44
C ALA A 299 -12.23 -0.20 -33.03
N ASN A 300 -11.22 0.65 -32.91
CA ASN A 300 -9.93 0.28 -33.46
C ASN A 300 -8.86 1.22 -32.99
N GLN A 301 -8.95 1.65 -31.74
CA GLN A 301 -8.00 2.63 -31.29
C GLN A 301 -7.14 2.39 -30.07
N MET A 302 -6.99 1.15 -29.67
CA MET A 302 -6.14 0.88 -28.53
C MET A 302 -6.39 1.84 -27.37
N VAL A 303 -7.66 2.14 -27.10
CA VAL A 303 -8.02 3.02 -25.99
C VAL A 303 -9.53 3.13 -25.83
N LYS A 304 -10.01 2.80 -24.63
CA LYS A 304 -11.42 2.82 -24.30
C LYS A 304 -11.89 4.24 -24.11
N CYS A 305 -11.55 5.10 -25.06
CA CYS A 305 -11.93 6.50 -24.98
C CYS A 305 -12.78 6.85 -26.19
N ASP A 306 -13.59 5.89 -26.61
CA ASP A 306 -14.49 6.04 -27.76
C ASP A 306 -14.82 7.53 -27.91
N PRO A 307 -14.63 8.11 -29.13
CA PRO A 307 -14.93 9.53 -29.33
C PRO A 307 -16.38 9.88 -28.99
N ARG A 308 -16.71 9.62 -27.73
CA ARG A 308 -18.03 9.83 -27.15
C ARG A 308 -18.46 11.28 -27.22
N HIS A 309 -17.51 12.15 -27.60
CA HIS A 309 -17.77 13.58 -27.74
C HIS A 309 -16.46 14.30 -27.97
N GLY A 310 -15.39 13.70 -27.46
CA GLY A 310 -14.07 14.28 -27.59
C GLY A 310 -13.71 14.71 -29.00
N LYS A 311 -13.63 16.02 -29.19
CA LYS A 311 -13.28 16.58 -30.48
C LYS A 311 -11.79 16.43 -30.67
N TYR A 312 -11.39 15.89 -31.82
CA TYR A 312 -9.96 15.76 -32.08
C TYR A 312 -9.46 17.20 -32.11
N MET A 313 -8.16 17.39 -31.90
CA MET A 313 -7.58 18.72 -31.94
C MET A 313 -6.26 18.68 -32.65
N ALA A 314 -5.91 17.51 -33.15
CA ALA A 314 -4.66 17.31 -33.87
C ALA A 314 -4.37 15.83 -34.02
N CYS A 315 -4.18 15.39 -35.25
CA CYS A 315 -3.90 14.00 -35.53
C CYS A 315 -2.65 13.93 -36.40
N CYS A 316 -1.82 12.93 -36.14
CA CYS A 316 -0.59 12.74 -36.89
C CYS A 316 -0.70 11.46 -37.65
N LEU A 317 -1.29 11.52 -38.83
CA LEU A 317 -1.46 10.32 -39.62
C LEU A 317 -0.17 9.79 -40.20
N LEU A 318 0.45 8.85 -39.52
CA LEU A 318 1.67 8.25 -40.01
C LEU A 318 1.33 7.06 -40.89
N TYR A 319 1.65 7.19 -42.17
CA TYR A 319 1.39 6.13 -43.13
C TYR A 319 2.73 5.49 -43.44
N ARG A 320 2.67 4.27 -43.94
CA ARG A 320 3.88 3.54 -44.28
C ARG A 320 3.51 2.55 -45.38
N GLY A 321 4.41 2.34 -46.32
CA GLY A 321 4.12 1.42 -47.41
C GLY A 321 3.82 2.19 -48.68
N ASP A 322 3.16 1.54 -49.63
CA ASP A 322 2.81 2.19 -50.90
C ASP A 322 1.62 3.12 -50.81
N VAL A 323 1.91 4.42 -50.68
CA VAL A 323 0.88 5.44 -50.55
C VAL A 323 1.17 6.70 -51.40
N VAL A 324 0.21 7.05 -52.24
CA VAL A 324 0.31 8.23 -53.11
C VAL A 324 -0.20 9.43 -52.35
N PRO A 325 0.67 10.43 -52.16
CA PRO A 325 0.33 11.65 -51.44
C PRO A 325 -1.02 12.26 -51.77
N LYS A 326 -1.49 12.06 -52.99
CA LYS A 326 -2.80 12.59 -53.39
C LYS A 326 -3.84 11.71 -52.73
N ASP A 327 -3.60 10.41 -52.75
CA ASP A 327 -4.51 9.46 -52.13
C ASP A 327 -4.80 9.94 -50.73
N VAL A 328 -3.76 10.40 -50.05
CA VAL A 328 -3.88 10.91 -48.70
C VAL A 328 -4.52 12.28 -48.73
N ASN A 329 -3.88 13.19 -49.45
CA ASN A 329 -4.38 14.55 -49.58
C ASN A 329 -5.67 14.49 -50.40
N ALA A 330 -6.56 13.61 -49.94
CA ALA A 330 -7.86 13.39 -50.55
C ALA A 330 -8.68 12.53 -49.58
N ALA A 331 -8.06 11.44 -49.15
CA ALA A 331 -8.69 10.53 -48.22
C ALA A 331 -8.91 11.32 -46.94
N ILE A 332 -8.00 12.25 -46.66
CA ILE A 332 -8.10 13.09 -45.49
C ILE A 332 -9.10 14.21 -45.75
N ALA A 333 -9.11 14.70 -46.99
CA ALA A 333 -10.03 15.77 -47.39
C ALA A 333 -11.43 15.27 -47.17
N THR A 334 -11.71 14.07 -47.66
CA THR A 334 -13.04 13.45 -47.51
C THR A 334 -13.42 13.46 -46.03
N ILE A 335 -12.46 13.13 -45.18
CA ILE A 335 -12.68 13.09 -43.75
C ILE A 335 -12.97 14.50 -43.22
N LYS A 336 -12.07 15.44 -43.49
CA LYS A 336 -12.25 16.81 -43.01
C LYS A 336 -13.67 17.32 -43.23
N THR A 337 -14.42 16.64 -44.10
CA THR A 337 -15.77 17.07 -44.39
C THR A 337 -16.85 16.05 -44.03
N LYS A 338 -16.58 15.22 -43.03
CA LYS A 338 -17.54 14.22 -42.58
C LYS A 338 -18.32 14.81 -41.40
N ARG A 339 -17.79 15.91 -40.89
CA ARG A 339 -18.37 16.66 -39.77
C ARG A 339 -18.70 15.86 -38.52
N THR A 340 -19.27 14.68 -38.70
CA THR A 340 -19.61 13.84 -37.55
C THR A 340 -18.30 13.46 -36.85
N ILE A 341 -17.19 13.95 -37.41
CA ILE A 341 -15.85 13.71 -36.88
C ILE A 341 -15.33 15.02 -36.24
N GLN A 342 -16.25 15.96 -36.07
CA GLN A 342 -16.01 17.27 -35.47
C GLN A 342 -14.63 17.51 -34.82
N PHE A 343 -13.84 18.39 -35.43
CA PHE A 343 -12.51 18.79 -34.92
C PHE A 343 -12.70 20.04 -34.10
N VAL A 344 -11.75 20.34 -33.24
CA VAL A 344 -11.89 21.53 -32.43
C VAL A 344 -12.13 22.77 -33.28
N ASP A 345 -12.60 23.83 -32.62
CA ASP A 345 -12.89 25.10 -33.28
C ASP A 345 -11.60 25.80 -33.64
N TRP A 346 -10.90 26.24 -32.60
CA TRP A 346 -9.65 26.97 -32.74
C TRP A 346 -8.63 26.24 -33.58
N CYS A 347 -9.06 25.21 -34.26
CA CYS A 347 -8.15 24.47 -35.08
C CYS A 347 -8.69 24.28 -36.49
N PRO A 348 -8.15 25.04 -37.45
CA PRO A 348 -8.56 24.96 -38.84
C PRO A 348 -8.29 23.59 -39.36
N THR A 349 -7.01 23.34 -39.51
CA THR A 349 -6.47 22.06 -39.98
C THR A 349 -5.51 21.48 -38.95
N GLY A 350 -5.81 20.27 -38.55
CA GLY A 350 -5.02 19.52 -37.57
C GLY A 350 -4.79 18.10 -38.08
N PHE A 351 -4.04 18.02 -39.15
CA PHE A 351 -3.72 16.74 -39.81
C PHE A 351 -2.29 16.73 -40.33
N LYS A 352 -1.42 16.16 -39.51
CA LYS A 352 0.00 16.00 -39.84
C LYS A 352 0.16 14.67 -40.58
N VAL A 353 0.32 14.79 -41.88
CA VAL A 353 0.46 13.63 -42.77
C VAL A 353 1.94 13.20 -42.85
N GLY A 354 2.19 12.06 -42.24
CA GLY A 354 3.52 11.46 -42.20
C GLY A 354 3.53 10.22 -43.10
N ILE A 355 4.34 10.31 -44.14
CA ILE A 355 4.48 9.24 -45.13
C ILE A 355 5.88 8.64 -45.09
N ASN A 356 5.88 7.34 -44.92
CA ASN A 356 7.10 6.53 -44.92
C ASN A 356 7.04 5.62 -46.15
N TYR A 357 8.12 4.95 -46.44
CA TYR A 357 8.18 4.09 -47.62
C TYR A 357 7.92 2.63 -47.27
N GLU A 358 8.92 2.01 -46.68
CA GLU A 358 8.88 0.59 -46.29
C GLU A 358 7.53 0.22 -45.64
N PRO A 359 6.79 -0.73 -46.21
CA PRO A 359 5.51 -1.16 -45.65
C PRO A 359 5.74 -1.73 -44.25
N PRO A 360 4.67 -2.04 -43.48
CA PRO A 360 4.83 -2.60 -42.14
C PRO A 360 5.59 -3.94 -42.19
N THR A 361 5.80 -4.54 -41.03
CA THR A 361 6.49 -5.82 -40.97
C THR A 361 5.93 -6.64 -39.84
N VAL A 362 5.06 -7.57 -40.22
CA VAL A 362 4.37 -8.44 -39.29
C VAL A 362 5.19 -9.64 -38.86
N VAL A 363 4.97 -10.04 -37.61
CA VAL A 363 5.64 -11.20 -37.04
C VAL A 363 5.42 -12.35 -38.02
N PRO A 364 6.48 -13.13 -38.29
CA PRO A 364 6.45 -14.27 -39.22
C PRO A 364 5.17 -15.11 -39.14
N GLY A 365 4.73 -15.37 -37.92
CA GLY A 365 3.54 -16.19 -37.76
C GLY A 365 2.73 -15.95 -36.50
N GLY A 366 2.53 -14.69 -36.16
CA GLY A 366 1.73 -14.37 -34.99
C GLY A 366 0.27 -14.49 -35.37
N ASP A 367 -0.37 -13.35 -35.60
CA ASP A 367 -1.78 -13.31 -36.00
C ASP A 367 -2.11 -12.02 -36.72
N LEU A 368 -1.09 -11.23 -37.03
CA LEU A 368 -1.26 -9.96 -37.73
C LEU A 368 -1.27 -10.22 -39.23
N ALA A 369 -2.33 -9.74 -39.89
CA ALA A 369 -2.52 -9.90 -41.32
C ALA A 369 -1.23 -9.89 -42.15
N LYS A 370 -0.73 -8.68 -42.37
CA LYS A 370 0.48 -8.37 -43.14
C LYS A 370 0.06 -7.76 -44.48
N VAL A 371 -0.25 -6.48 -44.41
CA VAL A 371 -0.69 -5.68 -45.53
C VAL A 371 0.52 -4.98 -46.14
N GLN A 372 0.29 -4.19 -47.18
CA GLN A 372 1.36 -3.43 -47.83
C GLN A 372 1.10 -1.94 -47.66
N ARG A 373 0.63 -1.58 -46.48
CA ARG A 373 0.35 -0.20 -46.16
C ARG A 373 -0.49 -0.17 -44.88
N ALA A 374 -0.21 0.81 -44.01
CA ALA A 374 -0.92 0.94 -42.76
C ALA A 374 -0.95 2.38 -42.31
N VAL A 375 -1.83 2.67 -41.35
CA VAL A 375 -2.03 4.01 -40.80
C VAL A 375 -2.02 4.02 -39.28
N CYS A 376 -0.90 4.44 -38.72
CA CYS A 376 -0.75 4.54 -37.26
C CYS A 376 -1.03 5.99 -36.93
N MET A 377 -2.30 6.30 -36.74
CA MET A 377 -2.70 7.64 -36.44
C MET A 377 -2.86 7.79 -34.95
N LEU A 378 -2.26 8.84 -34.43
CA LEU A 378 -2.34 9.14 -33.02
C LEU A 378 -2.90 10.53 -32.94
N SER A 379 -3.47 10.88 -31.80
CA SER A 379 -4.08 12.20 -31.67
C SER A 379 -4.50 12.60 -30.27
N ASN A 380 -4.71 13.89 -30.12
CA ASN A 380 -5.17 14.45 -28.85
C ASN A 380 -6.67 14.63 -29.11
N THR A 381 -7.47 14.04 -28.24
CA THR A 381 -8.92 14.12 -28.39
C THR A 381 -9.51 14.56 -27.07
N THR A 382 -10.41 15.52 -27.14
CA THR A 382 -11.10 16.03 -25.95
C THR A 382 -11.81 14.84 -25.30
N ALA A 383 -11.62 13.68 -25.90
CA ALA A 383 -12.24 12.47 -25.43
C ALA A 383 -11.71 12.03 -24.10
N ILE A 384 -10.40 12.04 -23.93
CA ILE A 384 -9.83 11.61 -22.67
C ILE A 384 -10.44 12.35 -21.49
N ALA A 385 -11.18 13.42 -21.76
CA ALA A 385 -11.86 14.16 -20.69
C ALA A 385 -12.55 13.07 -19.89
N GLU A 386 -13.01 12.06 -20.62
CA GLU A 386 -13.64 10.90 -20.03
C GLU A 386 -12.58 10.14 -19.28
N ALA A 387 -11.94 9.20 -19.97
CA ALA A 387 -10.89 8.35 -19.41
C ALA A 387 -10.20 8.85 -18.15
N TRP A 388 -9.88 10.14 -18.09
CA TRP A 388 -9.24 10.71 -16.91
C TRP A 388 -10.30 10.78 -15.83
N ALA A 389 -11.45 11.33 -16.18
CA ALA A 389 -12.57 11.45 -15.27
C ALA A 389 -12.78 10.11 -14.58
N ARG A 390 -13.24 9.14 -15.34
CA ARG A 390 -13.50 7.78 -14.85
C ARG A 390 -12.37 7.17 -14.01
N LEU A 391 -11.17 7.68 -14.16
CA LEU A 391 -10.03 7.12 -13.44
C LEU A 391 -9.78 7.91 -12.20
N ASP A 392 -10.22 9.16 -12.22
CA ASP A 392 -10.05 10.06 -11.10
C ASP A 392 -11.06 9.67 -10.05
N HIS A 393 -12.32 9.56 -10.48
CA HIS A 393 -13.43 9.17 -9.64
C HIS A 393 -13.00 7.95 -8.83
N LYS A 394 -12.53 6.92 -9.52
CA LYS A 394 -12.04 5.69 -8.88
C LYS A 394 -11.30 6.08 -7.61
N PHE A 395 -10.19 6.77 -7.82
CA PHE A 395 -9.30 7.25 -6.78
C PHE A 395 -10.04 7.74 -5.54
N ASP A 396 -10.87 8.75 -5.73
CA ASP A 396 -11.64 9.33 -4.64
C ASP A 396 -12.30 8.26 -3.80
N LEU A 397 -13.14 7.46 -4.43
CA LEU A 397 -13.84 6.42 -3.71
C LEU A 397 -12.96 5.80 -2.64
N MET A 398 -11.76 5.38 -3.02
CA MET A 398 -10.84 4.75 -2.07
C MET A 398 -10.21 5.73 -1.11
N TYR A 399 -9.69 6.82 -1.65
CA TYR A 399 -9.07 7.84 -0.82
C TYR A 399 -10.12 8.27 0.21
N ALA A 400 -11.34 8.39 -0.25
CA ALA A 400 -12.44 8.80 0.60
C ALA A 400 -12.47 7.96 1.88
N LYS A 401 -11.80 6.82 1.85
CA LYS A 401 -11.76 5.93 3.01
C LYS A 401 -10.32 5.56 3.37
N ARG A 402 -9.39 6.21 2.69
CA ARG A 402 -7.98 6.01 2.91
C ARG A 402 -7.53 4.64 2.44
N ALA A 403 -8.47 3.75 2.17
CA ALA A 403 -8.16 2.41 1.74
C ALA A 403 -6.69 2.09 1.97
N PHE A 404 -5.97 1.69 0.94
CA PHE A 404 -4.57 1.31 1.09
C PHE A 404 -3.64 2.49 1.26
N VAL A 405 -4.04 3.46 2.06
CA VAL A 405 -3.18 4.61 2.24
C VAL A 405 -2.01 4.28 3.13
N HIS A 406 -2.25 3.57 4.22
CA HIS A 406 -1.15 3.26 5.11
C HIS A 406 0.01 2.60 4.41
N TRP A 407 -0.19 2.15 3.19
CA TRP A 407 0.86 1.49 2.46
C TRP A 407 1.82 2.44 1.85
N TYR A 408 1.38 3.67 1.64
CA TYR A 408 2.25 4.66 1.03
C TYR A 408 2.87 5.51 2.10
N VAL A 409 2.03 5.99 3.01
CA VAL A 409 2.50 6.84 4.09
C VAL A 409 3.74 6.20 4.68
N GLY A 410 3.57 4.94 5.07
CA GLY A 410 4.68 4.20 5.65
C GLY A 410 5.79 4.01 4.65
N GLU A 411 5.71 4.74 3.53
CA GLU A 411 6.72 4.63 2.51
C GLU A 411 7.19 6.00 2.07
N GLY A 412 7.18 6.97 2.98
CA GLY A 412 7.66 8.29 2.64
C GLY A 412 6.81 9.08 1.67
N MET A 413 5.57 9.31 2.07
CA MET A 413 4.57 10.06 1.31
C MET A 413 3.74 10.72 2.39
N GLU A 414 2.70 11.43 2.02
CA GLU A 414 1.90 12.09 3.02
C GLU A 414 0.50 12.36 2.52
N GLU A 415 -0.36 12.85 3.40
CA GLU A 415 -1.73 13.18 3.00
C GLU A 415 -1.59 14.24 1.91
N GLY A 416 -0.41 14.86 1.89
CA GLY A 416 -0.15 15.89 0.91
C GLY A 416 -0.16 15.30 -0.48
N GLU A 417 0.92 14.61 -0.83
CA GLU A 417 1.05 14.03 -2.15
C GLU A 417 -0.22 13.46 -2.75
N PHE A 418 -1.08 12.84 -1.94
CA PHE A 418 -2.31 12.31 -2.51
C PHE A 418 -3.25 13.47 -2.79
N SER A 419 -3.79 14.06 -1.74
CA SER A 419 -4.71 15.18 -1.88
C SER A 419 -4.21 16.25 -2.83
N GLU A 420 -2.90 16.48 -2.83
CA GLU A 420 -2.36 17.52 -3.68
C GLU A 420 -2.07 17.07 -5.11
N ALA A 421 -2.27 15.79 -5.39
CA ALA A 421 -2.07 15.24 -6.75
C ALA A 421 -3.44 14.96 -7.32
N ARG A 422 -4.42 15.03 -6.44
CA ARG A 422 -5.80 14.83 -6.82
C ARG A 422 -6.19 16.19 -7.38
N GLU A 423 -5.97 17.24 -6.59
CA GLU A 423 -6.27 18.60 -7.02
C GLU A 423 -5.58 18.78 -8.37
N ASP A 424 -4.40 18.20 -8.51
CA ASP A 424 -3.61 18.28 -9.74
C ASP A 424 -4.48 17.89 -10.92
N MET A 425 -4.80 16.60 -11.00
CA MET A 425 -5.60 16.11 -12.08
C MET A 425 -6.92 16.85 -12.22
N ALA A 426 -7.48 17.31 -11.10
CA ALA A 426 -8.73 18.05 -11.16
C ALA A 426 -8.65 19.07 -12.30
N ALA A 427 -7.56 19.85 -12.31
CA ALA A 427 -7.33 20.87 -13.34
C ALA A 427 -6.86 20.25 -14.65
N LEU A 428 -7.06 18.95 -14.79
CA LEU A 428 -6.71 18.23 -16.00
C LEU A 428 -8.04 17.80 -16.58
N GLU A 429 -9.06 17.84 -15.73
CA GLU A 429 -10.42 17.50 -16.08
C GLU A 429 -11.05 18.80 -16.59
N LYS A 430 -10.54 19.92 -16.09
CA LYS A 430 -11.02 21.23 -16.49
C LYS A 430 -10.28 21.64 -17.74
N ASP A 431 -8.99 21.31 -17.77
CA ASP A 431 -8.15 21.64 -18.90
C ASP A 431 -8.69 20.98 -20.17
N TYR A 432 -8.76 19.65 -20.16
CA TYR A 432 -9.26 18.89 -21.29
C TYR A 432 -10.70 19.22 -21.61
N GLU A 433 -11.32 20.04 -20.77
CA GLU A 433 -12.71 20.47 -20.94
C GLU A 433 -12.71 21.84 -21.61
N GLU A 434 -11.90 22.74 -21.09
CA GLU A 434 -11.82 24.10 -21.63
C GLU A 434 -11.25 24.17 -23.04
N VAL A 435 -10.15 23.46 -23.28
CA VAL A 435 -9.51 23.48 -24.60
C VAL A 435 -10.46 22.93 -25.65
N GLY A 436 -11.67 22.58 -25.24
CA GLY A 436 -12.65 22.07 -26.17
C GLY A 436 -14.05 22.34 -25.65
N VAL A 437 -15.05 21.72 -26.27
CA VAL A 437 -16.44 21.88 -25.88
C VAL A 437 -16.90 23.35 -25.95
N ASP A 438 -15.93 24.26 -26.10
CA ASP A 438 -16.22 25.69 -26.14
C ASP A 438 -15.61 26.38 -27.37
N SER A 439 -16.25 27.45 -27.81
CA SER A 439 -15.78 28.18 -28.99
C SER A 439 -15.57 29.67 -28.72
N ARG B 2 14.76 -12.93 -3.77
CA ARG B 2 13.97 -12.74 -2.52
C ARG B 2 13.98 -14.03 -1.71
N GLU B 3 13.42 -13.99 -0.51
CA GLU B 3 13.38 -15.17 0.38
C GLU B 3 12.28 -15.12 1.45
N ILE B 4 12.17 -16.22 2.19
CA ILE B 4 11.20 -16.39 3.29
C ILE B 4 11.72 -17.52 4.20
N VAL B 5 11.25 -17.56 5.44
CA VAL B 5 11.65 -18.63 6.36
C VAL B 5 10.45 -19.16 7.14
N HIS B 6 9.97 -20.32 6.69
CA HIS B 6 8.83 -21.00 7.27
C HIS B 6 8.99 -21.18 8.76
N ILE B 7 7.86 -21.30 9.47
CA ILE B 7 7.88 -21.51 10.91
C ILE B 7 6.77 -22.50 11.36
N GLN B 8 7.19 -23.70 11.77
CA GLN B 8 6.28 -24.77 12.22
C GLN B 8 5.96 -24.75 13.72
N ALA B 9 5.18 -23.77 14.16
CA ALA B 9 4.84 -23.66 15.57
C ALA B 9 3.82 -24.68 16.07
N GLY B 10 4.15 -25.34 17.19
CA GLY B 10 3.24 -26.33 17.74
C GLY B 10 3.27 -27.64 17.00
N GLN B 11 2.33 -28.54 17.32
CA GLN B 11 2.26 -29.85 16.66
C GLN B 11 1.58 -29.65 15.32
N CYS B 12 0.36 -29.16 15.36
CA CYS B 12 -0.38 -28.94 14.13
C CYS B 12 0.50 -28.23 13.15
N GLY B 13 0.80 -26.97 13.44
CA GLY B 13 1.65 -26.18 12.58
C GLY B 13 2.80 -27.02 12.11
N ASN B 14 3.19 -27.97 12.95
CA ASN B 14 4.29 -28.85 12.63
C ASN B 14 3.83 -29.95 11.69
N GLN B 15 2.82 -30.71 12.10
CA GLN B 15 2.27 -31.79 11.28
C GLN B 15 2.13 -31.29 9.85
N ILE B 16 1.57 -30.09 9.73
CA ILE B 16 1.37 -29.44 8.43
C ILE B 16 2.71 -29.13 7.75
N GLY B 17 3.70 -28.78 8.56
CA GLY B 17 5.00 -28.50 8.00
C GLY B 17 5.37 -29.67 7.12
N ALA B 18 5.22 -30.87 7.67
CA ALA B 18 5.55 -32.07 6.93
C ALA B 18 4.80 -32.14 5.63
N LYS B 19 3.56 -31.63 5.59
CA LYS B 19 2.78 -31.68 4.36
C LYS B 19 3.13 -30.51 3.47
N PHE B 20 3.39 -29.35 4.06
CA PHE B 20 3.73 -28.20 3.24
C PHE B 20 5.07 -28.44 2.57
N TRP B 21 5.94 -29.16 3.24
CA TRP B 21 7.25 -29.42 2.67
C TRP B 21 7.21 -30.68 1.83
N GLU B 22 6.28 -31.57 2.15
CA GLU B 22 6.11 -32.79 1.37
C GLU B 22 5.88 -32.28 -0.03
N VAL B 23 4.85 -31.44 -0.16
CA VAL B 23 4.46 -30.85 -1.43
C VAL B 23 5.59 -30.04 -2.05
N ILE B 24 5.63 -28.77 -1.64
CA ILE B 24 6.62 -27.81 -2.09
C ILE B 24 7.89 -28.42 -2.67
N SER B 25 8.45 -29.42 -1.99
CA SER B 25 9.66 -30.06 -2.46
C SER B 25 9.46 -30.62 -3.86
N ASP B 26 8.46 -31.48 -3.99
CA ASP B 26 8.10 -32.10 -5.28
C ASP B 26 7.83 -31.01 -6.31
N GLU B 27 7.34 -29.87 -5.82
CA GLU B 27 7.04 -28.71 -6.67
C GLU B 27 8.36 -27.95 -6.82
N HIS B 28 9.45 -28.66 -6.56
CA HIS B 28 10.78 -28.10 -6.66
C HIS B 28 11.82 -29.21 -6.76
N GLY B 29 11.35 -30.41 -7.12
CA GLY B 29 12.22 -31.56 -7.29
C GLY B 29 13.31 -31.85 -6.25
N ILE B 30 12.99 -31.68 -4.98
CA ILE B 30 13.93 -31.93 -3.92
C ILE B 30 13.55 -33.18 -3.15
N ASP B 31 14.31 -34.26 -3.37
CA ASP B 31 14.09 -35.54 -2.72
C ASP B 31 14.57 -35.44 -1.28
N PRO B 32 14.05 -36.31 -0.39
CA PRO B 32 14.45 -36.30 1.02
C PRO B 32 15.70 -35.47 1.30
N THR B 33 16.87 -36.07 1.12
CA THR B 33 18.12 -35.34 1.33
C THR B 33 18.71 -35.03 -0.06
N GLY B 34 18.15 -35.69 -1.07
CA GLY B 34 18.61 -35.50 -2.43
C GLY B 34 18.63 -34.03 -2.83
N SER B 35 18.86 -33.78 -4.10
CA SER B 35 18.91 -32.41 -4.60
C SER B 35 17.75 -32.07 -5.51
N TYR B 36 18.08 -31.39 -6.60
CA TYR B 36 17.10 -30.97 -7.57
C TYR B 36 17.00 -31.94 -8.75
N HIS B 37 16.02 -32.84 -8.68
CA HIS B 37 15.78 -33.81 -9.75
C HIS B 37 14.84 -33.16 -10.76
N GLY B 38 14.36 -31.98 -10.38
CA GLY B 38 13.44 -31.19 -11.19
C GLY B 38 13.24 -31.61 -12.63
N ASP B 39 12.01 -32.01 -12.93
CA ASP B 39 11.66 -32.43 -14.27
C ASP B 39 12.06 -31.32 -15.24
N SER B 40 12.04 -30.09 -14.74
CA SER B 40 12.39 -28.93 -15.55
C SER B 40 13.67 -28.26 -15.05
N ASP B 41 13.86 -27.01 -15.44
CA ASP B 41 15.03 -26.23 -15.07
C ASP B 41 14.60 -24.93 -14.40
N LEU B 42 13.30 -24.67 -14.46
CA LEU B 42 12.71 -23.46 -13.88
C LEU B 42 12.41 -23.57 -12.40
N GLN B 43 12.23 -24.80 -11.93
CA GLN B 43 11.92 -25.06 -10.52
C GLN B 43 13.18 -24.92 -9.66
N LEU B 44 14.14 -24.15 -10.16
CA LEU B 44 15.41 -23.99 -9.46
C LEU B 44 15.96 -22.58 -9.38
N GLU B 45 15.71 -21.79 -10.41
CA GLU B 45 16.20 -20.42 -10.45
C GLU B 45 15.67 -19.54 -9.33
N ARG B 46 14.64 -20.01 -8.63
CA ARG B 46 14.05 -19.22 -7.57
C ARG B 46 13.90 -19.98 -6.25
N ILE B 47 14.35 -21.23 -6.19
CA ILE B 47 14.22 -22.02 -4.96
C ILE B 47 14.63 -21.26 -3.72
N ASN B 48 15.83 -20.68 -3.75
CA ASN B 48 16.38 -19.94 -2.63
C ASN B 48 15.31 -19.51 -1.64
N VAL B 49 14.21 -18.97 -2.15
CA VAL B 49 13.10 -18.55 -1.31
C VAL B 49 12.82 -19.47 -0.11
N TYR B 50 13.13 -20.76 -0.26
CA TYR B 50 12.88 -21.74 0.80
C TYR B 50 14.04 -22.65 1.20
N TYR B 51 15.20 -22.51 0.58
CA TYR B 51 16.33 -23.39 0.91
C TYR B 51 17.66 -22.69 1.12
N ASN B 52 18.72 -23.48 1.26
CA ASN B 52 20.06 -22.96 1.45
C ASN B 52 21.11 -23.87 0.80
N GLU B 53 22.15 -23.25 0.26
CA GLU B 53 23.23 -23.98 -0.41
C GLU B 53 24.38 -24.32 0.55
N ALA B 54 24.64 -25.61 0.71
CA ALA B 54 25.73 -26.08 1.58
C ALA B 54 26.58 -27.09 0.82
N ALA B 55 26.04 -28.30 0.64
CA ALA B 55 26.75 -29.34 -0.07
C ALA B 55 26.77 -29.05 -1.57
N GLY B 56 25.69 -29.43 -2.26
CA GLY B 56 25.59 -29.20 -3.69
C GLY B 56 24.49 -30.08 -4.25
N ASN B 57 23.87 -30.83 -3.33
CA ASN B 57 22.78 -31.75 -3.61
C ASN B 57 21.84 -31.65 -2.42
N LYS B 58 22.27 -30.89 -1.42
CA LYS B 58 21.50 -30.73 -0.21
C LYS B 58 21.01 -29.30 0.00
N TYR B 59 19.84 -29.02 -0.57
CA TYR B 59 19.21 -27.72 -0.41
C TYR B 59 18.26 -27.98 0.76
N VAL B 60 18.61 -27.47 1.94
CA VAL B 60 17.79 -27.70 3.12
C VAL B 60 16.71 -26.67 3.39
N PRO B 61 15.49 -27.14 3.62
CA PRO B 61 14.38 -26.23 3.90
C PRO B 61 14.76 -25.28 5.02
N ARG B 62 14.49 -24.01 4.80
CA ARG B 62 14.81 -22.97 5.77
C ARG B 62 13.58 -22.61 6.57
N ALA B 63 13.18 -23.53 7.46
CA ALA B 63 12.02 -23.34 8.31
C ALA B 63 12.44 -23.55 9.76
N ILE B 64 11.50 -23.35 10.68
CA ILE B 64 11.80 -23.56 12.08
C ILE B 64 10.76 -24.52 12.63
N LEU B 65 11.20 -25.43 13.50
CA LEU B 65 10.28 -26.41 14.10
C LEU B 65 10.25 -26.18 15.60
N VAL B 66 9.24 -25.45 16.03
CA VAL B 66 9.06 -25.09 17.43
C VAL B 66 7.95 -25.92 18.08
N ASP B 67 8.29 -26.58 19.18
CA ASP B 67 7.33 -27.43 19.89
C ASP B 67 7.84 -27.91 21.25
N LEU B 68 6.96 -27.92 22.24
CA LEU B 68 7.30 -28.34 23.61
C LEU B 68 6.97 -29.81 23.88
N GLU B 69 6.64 -30.55 22.82
CA GLU B 69 6.29 -31.96 22.93
C GLU B 69 7.27 -32.70 22.02
N PRO B 70 8.22 -33.43 22.62
CA PRO B 70 9.15 -34.15 21.76
C PRO B 70 8.45 -35.07 20.75
N GLY B 71 7.80 -36.14 21.23
CA GLY B 71 7.11 -37.08 20.35
C GLY B 71 6.69 -36.56 18.99
N THR B 72 6.14 -35.35 18.95
CA THR B 72 5.70 -34.76 17.68
C THR B 72 6.85 -34.63 16.69
N MET B 73 7.71 -33.64 16.89
CA MET B 73 8.84 -33.42 16.00
C MET B 73 9.63 -34.72 15.80
N ASP B 74 9.49 -35.64 16.75
CA ASP B 74 10.17 -36.92 16.69
C ASP B 74 9.35 -37.95 15.89
N SER B 75 8.31 -37.45 15.24
CA SER B 75 7.45 -38.28 14.40
C SER B 75 7.63 -37.71 13.00
N VAL B 76 7.83 -36.40 12.96
CA VAL B 76 8.05 -35.67 11.73
C VAL B 76 9.48 -35.88 11.31
N ARG B 77 10.36 -36.08 12.28
CA ARG B 77 11.77 -36.27 11.98
C ARG B 77 12.11 -37.76 11.82
N SER B 78 11.17 -38.64 12.16
CA SER B 78 11.40 -40.08 12.05
C SER B 78 10.59 -40.74 10.94
N GLY B 79 9.98 -39.93 10.08
CA GLY B 79 9.18 -40.48 9.00
C GLY B 79 9.76 -40.22 7.61
N PRO B 80 8.92 -39.81 6.64
CA PRO B 80 9.38 -39.54 5.27
C PRO B 80 10.44 -38.42 5.18
N PHE B 81 10.06 -37.32 4.55
CA PHE B 81 10.96 -36.18 4.37
C PHE B 81 11.57 -35.67 5.67
N GLY B 82 11.20 -36.29 6.78
CA GLY B 82 11.70 -35.86 8.07
C GLY B 82 13.20 -35.66 8.21
N GLN B 83 13.99 -36.32 7.35
CA GLN B 83 15.43 -36.20 7.47
C GLN B 83 16.09 -35.22 6.50
N ILE B 84 15.42 -34.10 6.25
CA ILE B 84 15.96 -33.07 5.34
C ILE B 84 16.25 -31.80 6.12
N PHE B 85 15.56 -31.63 7.25
CA PHE B 85 15.75 -30.46 8.08
C PHE B 85 17.09 -30.61 8.82
N ARG B 86 17.90 -29.56 8.84
CA ARG B 86 19.15 -29.63 9.57
C ARG B 86 18.68 -29.66 11.03
N PRO B 87 19.26 -30.54 11.86
CA PRO B 87 18.88 -30.64 13.27
C PRO B 87 18.81 -29.31 14.00
N ASP B 88 19.62 -28.38 13.55
CA ASP B 88 19.68 -27.05 14.13
C ASP B 88 18.27 -26.43 14.12
N ASN B 89 17.48 -26.83 13.14
CA ASN B 89 16.11 -26.33 12.95
C ASN B 89 15.16 -26.72 14.07
N PHE B 90 15.36 -27.91 14.63
CA PHE B 90 14.50 -28.41 15.70
C PHE B 90 14.66 -27.68 17.04
N VAL B 91 13.77 -26.73 17.32
CA VAL B 91 13.84 -26.03 18.60
C VAL B 91 12.75 -26.63 19.46
N PHE B 92 13.10 -27.72 20.13
CA PHE B 92 12.20 -28.46 20.99
C PHE B 92 12.16 -27.92 22.42
N GLY B 93 11.15 -28.35 23.17
CA GLY B 93 11.02 -27.96 24.56
C GLY B 93 10.50 -29.19 25.26
N GLN B 94 11.40 -30.09 25.63
CA GLN B 94 11.01 -31.35 26.28
C GLN B 94 10.13 -31.17 27.51
N SER B 95 9.90 -29.92 27.90
CA SER B 95 9.06 -29.60 29.05
C SER B 95 7.68 -30.26 28.89
N GLY B 96 6.72 -29.86 29.72
CA GLY B 96 5.39 -30.41 29.59
C GLY B 96 4.65 -29.48 28.63
N ALA B 97 4.49 -29.88 27.38
CA ALA B 97 3.82 -29.04 26.39
C ALA B 97 2.33 -28.80 26.69
N GLY B 98 2.01 -28.63 27.96
CA GLY B 98 0.62 -28.41 28.37
C GLY B 98 -0.21 -27.65 27.37
N ASN B 99 -1.48 -28.02 27.28
CA ASN B 99 -2.41 -27.40 26.34
C ASN B 99 -2.84 -25.99 26.71
N ASN B 100 -2.00 -25.29 27.44
CA ASN B 100 -2.32 -23.96 27.90
C ASN B 100 -1.58 -22.85 27.14
N TRP B 101 -2.36 -21.92 26.60
CA TRP B 101 -1.82 -20.78 25.87
C TRP B 101 -0.80 -20.10 26.76
N ALA B 102 -1.16 -20.02 28.03
CA ALA B 102 -0.31 -19.40 29.02
C ALA B 102 0.91 -20.23 29.29
N LYS B 103 0.81 -21.54 29.13
CA LYS B 103 1.97 -22.39 29.41
C LYS B 103 3.00 -22.37 28.30
N GLY B 104 2.60 -21.93 27.12
CA GLY B 104 3.54 -21.88 26.01
C GLY B 104 3.85 -20.45 25.56
N HIS B 105 3.34 -19.47 26.31
CA HIS B 105 3.57 -18.09 25.95
C HIS B 105 4.23 -17.32 27.06
N TYR B 106 3.97 -17.69 28.31
CA TYR B 106 4.58 -16.98 29.44
C TYR B 106 5.52 -17.78 30.32
N THR B 107 5.18 -19.04 30.53
CA THR B 107 5.98 -19.83 31.43
C THR B 107 6.91 -20.83 30.82
N GLU B 108 6.38 -21.70 29.99
CA GLU B 108 7.23 -22.71 29.41
C GLU B 108 7.85 -22.24 28.11
N GLY B 109 7.04 -21.70 27.21
CA GLY B 109 7.57 -21.25 25.93
C GLY B 109 8.54 -20.09 26.02
N ALA B 110 8.25 -19.16 26.92
CA ALA B 110 9.09 -17.98 27.08
C ALA B 110 10.56 -18.32 27.26
N GLU B 111 10.85 -19.52 27.74
CA GLU B 111 12.24 -19.91 27.93
C GLU B 111 12.83 -20.34 26.61
N LEU B 112 12.14 -21.27 25.96
CA LEU B 112 12.58 -21.82 24.68
C LEU B 112 12.66 -20.79 23.55
N VAL B 113 12.07 -19.61 23.79
CA VAL B 113 12.04 -18.55 22.79
C VAL B 113 13.41 -18.07 22.32
N ASP B 114 14.24 -17.63 23.28
CA ASP B 114 15.57 -17.13 22.95
C ASP B 114 16.36 -18.14 22.10
N SER B 115 16.22 -19.42 22.42
CA SER B 115 16.91 -20.47 21.66
C SER B 115 16.26 -20.67 20.30
N VAL B 116 15.19 -19.92 20.04
CA VAL B 116 14.50 -20.00 18.76
C VAL B 116 14.97 -18.78 18.00
N LEU B 117 14.64 -17.60 18.52
CA LEU B 117 15.02 -16.34 17.88
C LEU B 117 16.45 -16.44 17.35
N ASP B 118 17.28 -17.14 18.12
CA ASP B 118 18.67 -17.37 17.81
C ASP B 118 18.75 -17.88 16.39
N VAL B 119 18.02 -18.96 16.13
CA VAL B 119 18.02 -19.57 14.82
C VAL B 119 17.26 -18.73 13.79
N VAL B 120 16.10 -18.21 14.17
CA VAL B 120 15.32 -17.39 13.23
C VAL B 120 16.20 -16.25 12.69
N ARG B 121 17.32 -16.00 13.36
CA ARG B 121 18.26 -14.96 12.95
C ARG B 121 19.36 -15.62 12.11
N LYS B 122 19.72 -16.83 12.47
CA LYS B 122 20.73 -17.54 11.71
C LYS B 122 20.20 -17.77 10.29
N GLU B 123 18.89 -17.97 10.19
CA GLU B 123 18.25 -18.22 8.91
C GLU B 123 17.95 -16.94 8.15
N SER B 124 17.59 -15.88 8.88
CA SER B 124 17.29 -14.60 8.26
C SER B 124 18.54 -14.00 7.66
N GLU B 125 19.63 -14.06 8.42
CA GLU B 125 20.92 -13.52 8.00
C GLU B 125 21.62 -14.52 7.08
N SER B 126 20.83 -15.44 6.53
CA SER B 126 21.34 -16.44 5.62
C SER B 126 22.05 -15.66 4.53
N CYS B 127 21.30 -15.27 3.52
CA CYS B 127 21.85 -14.49 2.42
C CYS B 127 20.80 -13.67 1.67
N ASP B 128 21.25 -13.07 0.57
CA ASP B 128 20.44 -12.22 -0.28
C ASP B 128 19.53 -11.31 0.53
N CYS B 129 18.29 -11.15 0.09
CA CYS B 129 17.33 -10.29 0.77
C CYS B 129 16.11 -11.05 1.25
N LEU B 130 15.78 -10.86 2.52
CA LEU B 130 14.62 -11.50 3.14
C LEU B 130 13.34 -10.75 2.79
N GLN B 131 12.30 -11.53 2.56
CA GLN B 131 10.96 -11.01 2.21
C GLN B 131 10.06 -11.04 3.45
N GLY B 132 9.90 -12.24 4.00
CA GLY B 132 9.06 -12.47 5.19
C GLY B 132 9.16 -13.92 5.66
N PHE B 133 8.34 -14.23 6.65
CA PHE B 133 8.29 -15.58 7.24
C PHE B 133 6.87 -16.17 7.20
N GLN B 134 6.84 -17.45 6.89
CA GLN B 134 5.60 -18.25 6.85
C GLN B 134 5.41 -18.86 8.24
N LEU B 135 4.19 -18.81 8.73
CA LEU B 135 3.88 -19.31 10.07
C LEU B 135 2.65 -20.21 10.05
N THR B 136 2.88 -21.45 10.47
CA THR B 136 1.83 -22.47 10.57
C THR B 136 1.64 -22.83 12.04
N HIS B 137 0.39 -23.05 12.39
CA HIS B 137 0.01 -23.40 13.75
C HIS B 137 -1.51 -23.43 13.88
N SER B 138 -1.92 -23.83 15.06
CA SER B 138 -3.34 -23.92 15.42
C SER B 138 -3.58 -23.04 16.62
N LEU B 139 -4.67 -22.30 16.58
CA LEU B 139 -5.03 -21.40 17.66
C LEU B 139 -5.83 -22.11 18.73
N GLY B 140 -5.61 -23.41 18.86
CA GLY B 140 -6.33 -24.18 19.86
C GLY B 140 -5.45 -25.09 20.70
N GLY B 141 -4.34 -24.53 21.20
CA GLY B 141 -3.40 -25.29 22.00
C GLY B 141 -2.26 -24.44 22.56
N GLY B 142 -1.33 -25.08 23.26
CA GLY B 142 -0.22 -24.36 23.83
C GLY B 142 0.83 -23.98 22.82
N THR B 143 1.69 -24.93 22.47
CA THR B 143 2.75 -24.70 21.51
C THR B 143 2.31 -24.02 20.22
N GLY B 144 1.01 -23.97 20.00
CA GLY B 144 0.53 -23.36 18.78
C GLY B 144 0.20 -21.90 18.94
N SER B 145 -0.90 -21.63 19.64
CA SER B 145 -1.36 -20.27 19.84
C SER B 145 -0.46 -19.43 20.74
N GLY B 146 -0.05 -20.01 21.87
CA GLY B 146 0.79 -19.27 22.79
C GLY B 146 2.21 -19.06 22.31
N MET B 147 2.99 -20.13 22.31
CA MET B 147 4.38 -20.06 21.90
C MET B 147 4.64 -19.58 20.47
N GLY B 148 3.74 -19.89 19.55
CA GLY B 148 3.93 -19.47 18.17
C GLY B 148 3.52 -18.03 18.02
N THR B 149 2.56 -17.62 18.84
CA THR B 149 2.08 -16.26 18.80
C THR B 149 3.10 -15.37 19.46
N LEU B 150 4.04 -15.97 20.16
CA LEU B 150 5.10 -15.20 20.80
C LEU B 150 6.20 -15.06 19.76
N LEU B 151 6.54 -16.19 19.14
CA LEU B 151 7.57 -16.22 18.14
C LEU B 151 7.41 -15.08 17.19
N ILE B 152 6.17 -14.74 16.85
CA ILE B 152 5.98 -13.63 15.92
C ILE B 152 6.12 -12.28 16.59
N SER B 153 5.53 -12.11 17.76
CA SER B 153 5.62 -10.83 18.46
C SER B 153 7.07 -10.40 18.59
N LYS B 154 7.97 -11.39 18.55
CA LYS B 154 9.41 -11.15 18.64
C LYS B 154 9.95 -10.91 17.24
N ILE B 155 9.52 -11.73 16.30
CA ILE B 155 9.93 -11.58 14.91
C ILE B 155 9.62 -10.14 14.45
N ARG B 156 8.37 -9.71 14.67
CA ARG B 156 7.89 -8.37 14.28
C ARG B 156 8.51 -7.20 15.04
N GLU B 157 9.53 -7.47 15.82
CA GLU B 157 10.20 -6.43 16.59
C GLU B 157 11.60 -6.41 16.04
N GLU B 158 11.97 -7.54 15.45
CA GLU B 158 13.29 -7.73 14.87
C GLU B 158 13.38 -7.32 13.41
N TYR B 159 12.26 -7.37 12.70
CA TYR B 159 12.28 -6.95 11.31
C TYR B 159 10.90 -6.43 10.90
N PRO B 160 10.48 -5.32 11.49
CA PRO B 160 9.17 -4.73 11.16
C PRO B 160 9.07 -4.32 9.68
N ASP B 161 10.04 -4.80 8.91
CA ASP B 161 10.12 -4.54 7.49
C ASP B 161 9.65 -5.77 6.71
N ARG B 162 10.29 -6.90 6.95
CA ARG B 162 9.91 -8.12 6.26
C ARG B 162 8.48 -8.48 6.66
N ILE B 163 7.75 -9.10 5.75
CA ILE B 163 6.35 -9.48 5.98
C ILE B 163 6.16 -10.69 6.89
N MET B 164 4.90 -10.96 7.21
CA MET B 164 4.52 -12.06 8.09
C MET B 164 3.17 -12.72 7.74
N ASN B 165 3.24 -13.76 6.94
CA ASN B 165 2.04 -14.48 6.56
C ASN B 165 1.80 -15.46 7.68
N THR B 166 0.53 -15.59 8.07
CA THR B 166 0.21 -16.51 9.12
C THR B 166 -0.88 -17.45 8.64
N PHE B 167 -0.60 -18.74 8.79
CA PHE B 167 -1.55 -19.80 8.44
C PHE B 167 -2.08 -20.37 9.75
N SER B 168 -3.27 -19.92 10.13
CA SER B 168 -3.91 -20.35 11.36
C SER B 168 -5.06 -21.33 11.15
N VAL B 169 -5.14 -22.32 12.02
CA VAL B 169 -6.18 -23.30 11.96
C VAL B 169 -7.21 -22.93 13.02
N VAL B 170 -7.88 -21.81 12.77
CA VAL B 170 -8.93 -21.32 13.65
C VAL B 170 -9.84 -22.48 14.07
N PRO B 171 -10.23 -22.51 15.35
CA PRO B 171 -11.10 -23.53 15.95
C PRO B 171 -12.37 -23.76 15.17
N SER B 172 -12.46 -24.94 14.57
CA SER B 172 -13.62 -25.33 13.78
C SER B 172 -14.87 -25.24 14.65
N PRO B 173 -16.01 -24.88 14.04
CA PRO B 173 -17.27 -24.78 14.78
C PRO B 173 -17.85 -26.10 15.31
N LYS B 174 -18.81 -26.65 14.59
CA LYS B 174 -19.49 -27.91 14.95
C LYS B 174 -18.88 -28.64 16.16
N VAL B 175 -17.63 -29.08 16.03
CA VAL B 175 -16.97 -29.79 17.14
C VAL B 175 -15.56 -29.27 17.38
N SER B 176 -15.23 -29.03 18.64
CA SER B 176 -13.90 -28.54 18.99
C SER B 176 -12.98 -29.67 19.42
N ASP B 177 -11.86 -29.80 18.74
CA ASP B 177 -10.90 -30.86 19.01
C ASP B 177 -10.12 -30.64 20.28
N THR B 178 -10.62 -29.72 21.10
CA THR B 178 -10.03 -29.39 22.40
C THR B 178 -11.14 -28.75 23.23
N VAL B 179 -10.87 -28.44 24.50
CA VAL B 179 -11.91 -27.87 25.35
C VAL B 179 -11.79 -26.41 25.68
N VAL B 180 -10.59 -25.94 25.93
CA VAL B 180 -10.39 -24.54 26.26
C VAL B 180 -10.30 -23.74 24.98
N GLU B 181 -10.13 -24.46 23.87
CA GLU B 181 -10.03 -23.90 22.53
C GLU B 181 -10.19 -22.39 22.43
N PRO B 182 -11.38 -21.83 22.76
CA PRO B 182 -11.58 -20.38 22.68
C PRO B 182 -10.61 -19.57 23.54
N TYR B 183 -10.06 -20.23 24.55
CA TYR B 183 -9.08 -19.60 25.42
C TYR B 183 -7.78 -19.50 24.65
N ASN B 184 -7.25 -20.64 24.24
CA ASN B 184 -6.01 -20.65 23.46
C ASN B 184 -6.18 -19.82 22.18
N ALA B 185 -7.41 -19.77 21.66
CA ALA B 185 -7.66 -19.04 20.42
C ALA B 185 -7.74 -17.54 20.61
N THR B 186 -8.80 -17.09 21.26
CA THR B 186 -8.97 -15.67 21.48
C THR B 186 -7.64 -15.02 21.83
N LEU B 187 -6.85 -15.73 22.62
CA LEU B 187 -5.55 -15.21 23.04
C LEU B 187 -4.51 -15.11 21.94
N SER B 188 -4.59 -16.00 20.95
CA SER B 188 -3.63 -15.96 19.88
C SER B 188 -4.04 -15.02 18.76
N VAL B 189 -5.34 -14.95 18.45
CA VAL B 189 -5.84 -14.05 17.40
C VAL B 189 -5.44 -12.61 17.76
N HIS B 190 -5.55 -12.33 19.05
CA HIS B 190 -5.19 -11.07 19.67
C HIS B 190 -3.79 -10.69 19.15
N GLN B 191 -2.81 -11.58 19.41
CA GLN B 191 -1.40 -11.42 19.01
C GLN B 191 -1.23 -11.28 17.50
N LEU B 192 -2.11 -11.95 16.75
CA LEU B 192 -2.09 -11.93 15.31
C LEU B 192 -2.49 -10.57 14.74
N VAL B 193 -3.68 -10.09 15.14
CA VAL B 193 -4.24 -8.80 14.70
C VAL B 193 -3.26 -7.68 14.96
N GLU B 194 -2.12 -8.02 15.55
CA GLU B 194 -1.19 -6.99 15.91
C GLU B 194 0.29 -7.25 15.67
N ASN B 195 0.57 -8.18 14.77
CA ASN B 195 1.95 -8.48 14.41
C ASN B 195 1.99 -8.97 12.96
N THR B 196 1.58 -10.20 12.68
CA THR B 196 1.59 -10.67 11.27
C THR B 196 0.70 -9.75 10.42
N ASP B 197 0.96 -9.64 9.12
CA ASP B 197 0.15 -8.76 8.27
C ASP B 197 -0.58 -9.43 7.12
N GLU B 198 -0.70 -10.76 7.22
CA GLU B 198 -1.40 -11.61 6.23
C GLU B 198 -1.65 -12.94 6.93
N THR B 199 -2.91 -13.26 7.18
CA THR B 199 -3.28 -14.49 7.84
C THR B 199 -4.24 -15.30 7.00
N TYR B 200 -3.93 -16.59 6.83
CA TYR B 200 -4.80 -17.47 6.06
C TYR B 200 -5.40 -18.55 7.01
N CYS B 201 -6.63 -18.28 7.45
CA CYS B 201 -7.39 -19.13 8.37
C CYS B 201 -8.07 -20.33 7.73
N ILE B 202 -7.67 -21.51 8.19
CA ILE B 202 -8.19 -22.77 7.67
C ILE B 202 -8.98 -23.47 8.78
N ASP B 203 -10.03 -24.19 8.39
CA ASP B 203 -10.91 -24.90 9.34
C ASP B 203 -11.02 -26.39 9.07
N ASN B 204 -10.47 -27.19 9.98
CA ASN B 204 -10.49 -28.62 9.83
C ASN B 204 -11.81 -29.20 9.32
N GLU B 205 -12.93 -28.52 9.59
CA GLU B 205 -14.24 -29.00 9.13
C GLU B 205 -14.71 -28.34 7.83
N ALA B 206 -14.10 -27.22 7.48
CA ALA B 206 -14.45 -26.57 6.25
C ALA B 206 -13.75 -27.42 5.20
N LEU B 207 -12.66 -28.04 5.63
CA LEU B 207 -11.85 -28.92 4.79
C LEU B 207 -12.56 -30.24 4.60
N TYR B 208 -12.90 -30.91 5.70
CA TYR B 208 -13.61 -32.15 5.60
C TYR B 208 -14.64 -31.96 4.51
N ASP B 209 -15.62 -31.10 4.77
CA ASP B 209 -16.66 -30.82 3.80
C ASP B 209 -16.05 -30.76 2.42
N ILE B 210 -15.29 -29.71 2.17
CA ILE B 210 -14.65 -29.49 0.89
C ILE B 210 -13.81 -30.68 0.43
N CYS B 211 -13.56 -31.62 1.35
CA CYS B 211 -12.74 -32.78 1.06
C CYS B 211 -13.54 -34.07 0.96
N PHE B 212 -14.78 -34.05 1.43
CA PHE B 212 -15.63 -35.23 1.39
C PHE B 212 -16.77 -35.07 0.38
N ARG B 213 -16.98 -33.87 -0.12
CA ARG B 213 -18.03 -33.66 -1.10
C ARG B 213 -17.46 -33.06 -2.40
N THR B 214 -16.29 -32.42 -2.33
CA THR B 214 -15.67 -31.83 -3.50
C THR B 214 -14.55 -32.77 -3.96
N LEU B 215 -14.39 -33.84 -3.20
CA LEU B 215 -13.45 -34.92 -3.43
C LEU B 215 -14.28 -36.00 -2.78
N LYS B 216 -14.94 -36.83 -3.58
CA LYS B 216 -15.78 -37.89 -3.03
C LYS B 216 -15.03 -38.68 -1.95
N LEU B 217 -13.84 -38.21 -1.58
CA LEU B 217 -13.01 -38.85 -0.56
C LEU B 217 -13.82 -39.21 0.69
N THR B 218 -13.93 -40.52 0.95
CA THR B 218 -14.70 -41.03 2.09
C THR B 218 -13.93 -41.11 3.43
N THR B 219 -12.61 -41.30 3.37
CA THR B 219 -11.81 -41.36 4.58
C THR B 219 -10.74 -40.27 4.58
N PRO B 220 -11.15 -39.03 4.76
CA PRO B 220 -10.22 -37.89 4.78
C PRO B 220 -9.35 -37.85 6.02
N THR B 221 -8.23 -38.55 5.98
CA THR B 221 -7.32 -38.55 7.10
C THR B 221 -6.76 -37.14 7.28
N TYR B 222 -6.10 -36.87 8.40
CA TYR B 222 -5.52 -35.55 8.61
C TYR B 222 -4.55 -35.27 7.49
N GLY B 223 -3.64 -36.21 7.26
CA GLY B 223 -2.65 -36.06 6.21
C GLY B 223 -3.25 -35.34 5.02
N ASP B 224 -4.47 -35.74 4.69
CA ASP B 224 -5.18 -35.15 3.56
C ASP B 224 -5.41 -33.67 3.82
N LEU B 225 -6.30 -33.37 4.76
CA LEU B 225 -6.61 -31.99 5.08
C LEU B 225 -5.34 -31.19 4.93
N ASN B 226 -4.34 -31.57 5.71
CA ASN B 226 -3.03 -30.91 5.69
C ASN B 226 -2.59 -30.73 4.24
N HIS B 227 -2.60 -31.85 3.52
CA HIS B 227 -2.20 -31.86 2.14
C HIS B 227 -2.94 -30.81 1.29
N LEU B 228 -4.25 -30.72 1.47
CA LEU B 228 -5.04 -29.75 0.74
C LEU B 228 -4.59 -28.32 1.06
N VAL B 229 -4.45 -28.07 2.34
CA VAL B 229 -4.02 -26.75 2.84
C VAL B 229 -2.69 -26.37 2.18
N SER B 230 -1.71 -27.24 2.41
CA SER B 230 -0.34 -27.07 1.90
C SER B 230 -0.35 -26.78 0.40
N ALA B 231 -1.43 -27.20 -0.24
CA ALA B 231 -1.61 -27.02 -1.68
C ALA B 231 -1.84 -25.54 -2.00
N THR B 232 -2.53 -24.88 -1.09
CA THR B 232 -2.89 -23.46 -1.22
C THR B 232 -1.70 -22.55 -0.91
N MET B 233 -1.00 -22.87 0.17
CA MET B 233 0.14 -22.06 0.61
C MET B 233 1.30 -22.15 -0.39
N SER B 234 1.20 -23.11 -1.29
CA SER B 234 2.21 -23.30 -2.34
C SER B 234 1.88 -22.41 -3.53
N GLY B 235 0.60 -22.27 -3.76
CA GLY B 235 0.05 -21.44 -4.84
C GLY B 235 0.35 -19.96 -4.54
N VAL B 236 0.23 -19.66 -3.26
CA VAL B 236 0.46 -18.31 -2.73
C VAL B 236 1.90 -17.87 -2.99
N THR B 237 2.72 -18.23 -2.01
CA THR B 237 4.16 -17.91 -2.02
C THR B 237 4.85 -18.52 -3.25
N THR B 238 5.68 -19.50 -2.95
CA THR B 238 6.49 -20.24 -3.93
C THR B 238 6.08 -19.95 -5.36
N CYS B 239 4.79 -20.15 -5.63
CA CYS B 239 4.23 -19.91 -6.94
C CYS B 239 4.68 -18.58 -7.51
N LEU B 240 4.21 -17.50 -6.91
CA LEU B 240 4.54 -16.17 -7.38
C LEU B 240 6.02 -15.90 -7.51
N ARG B 241 6.83 -16.79 -6.96
CA ARG B 241 8.27 -16.64 -7.06
C ARG B 241 8.68 -17.38 -8.31
N PHE B 242 7.73 -17.41 -9.24
CA PHE B 242 7.90 -18.02 -10.55
C PHE B 242 7.58 -16.89 -11.53
N PRO B 243 7.89 -17.10 -12.81
CA PRO B 243 7.61 -16.06 -13.80
C PRO B 243 6.11 -15.94 -14.00
N GLY B 244 5.69 -15.03 -14.86
CA GLY B 244 4.28 -14.85 -15.13
C GLY B 244 4.04 -13.61 -15.97
N GLN B 245 2.96 -13.62 -16.74
CA GLN B 245 2.66 -12.47 -17.57
C GLN B 245 2.50 -11.32 -16.59
N LEU B 246 1.79 -11.59 -15.51
CA LEU B 246 1.56 -10.62 -14.47
C LEU B 246 1.80 -11.26 -13.12
N ASN B 247 3.02 -11.18 -12.62
CA ASN B 247 3.32 -11.81 -11.35
C ASN B 247 3.30 -10.81 -10.22
N ALA B 248 3.05 -11.35 -9.03
CA ALA B 248 3.01 -10.57 -7.83
C ALA B 248 3.91 -11.31 -6.82
N ASP B 249 3.93 -10.85 -5.57
CA ASP B 249 4.74 -11.47 -4.53
C ASP B 249 4.26 -10.94 -3.20
N LEU B 250 4.26 -11.78 -2.19
CA LEU B 250 3.80 -11.44 -0.84
C LEU B 250 3.36 -10.00 -0.69
N ARG B 251 4.24 -9.06 -0.97
CA ARG B 251 3.83 -7.68 -0.83
C ARG B 251 2.65 -7.35 -1.74
N LYS B 252 2.82 -7.45 -3.06
CA LYS B 252 1.69 -7.15 -3.96
C LYS B 252 0.47 -7.69 -3.26
N LEU B 253 0.51 -8.99 -2.95
CA LEU B 253 -0.57 -9.67 -2.28
C LEU B 253 -0.98 -8.90 -1.03
N ALA B 254 0.00 -8.44 -0.30
CA ALA B 254 -0.29 -7.68 0.90
C ALA B 254 -0.76 -6.28 0.54
N VAL B 255 0.00 -5.58 -0.29
CA VAL B 255 -0.35 -4.23 -0.66
C VAL B 255 -1.57 -4.07 -1.57
N ASN B 256 -2.28 -5.16 -1.82
CA ASN B 256 -3.47 -5.09 -2.67
C ASN B 256 -4.62 -5.68 -1.89
N MET B 257 -4.29 -6.32 -0.78
CA MET B 257 -5.31 -7.00 -0.01
C MET B 257 -5.67 -6.43 1.33
N VAL B 258 -4.82 -5.57 1.86
CA VAL B 258 -5.13 -5.04 3.16
C VAL B 258 -5.46 -3.56 3.11
N PRO B 259 -6.74 -3.24 3.09
CA PRO B 259 -7.13 -1.82 3.04
C PRO B 259 -6.83 -1.18 4.38
N PHE B 260 -7.06 -1.89 5.47
CA PHE B 260 -6.81 -1.28 6.77
C PHE B 260 -5.99 -2.13 7.74
N PRO B 261 -4.82 -1.62 8.13
CA PRO B 261 -3.78 -2.11 9.03
C PRO B 261 -4.05 -3.23 10.02
N ARG B 262 -5.31 -3.52 10.34
CA ARG B 262 -5.56 -4.60 11.30
C ARG B 262 -4.63 -5.75 11.00
N LEU B 263 -4.57 -6.10 9.71
CA LEU B 263 -3.75 -7.17 9.17
C LEU B 263 -4.74 -7.97 8.36
N HIS B 264 -5.93 -8.07 8.90
CA HIS B 264 -6.98 -8.79 8.23
C HIS B 264 -6.59 -10.20 7.85
N PHE B 265 -7.59 -11.07 7.91
CA PHE B 265 -7.39 -12.46 7.65
C PHE B 265 -8.14 -12.79 6.40
N PHE B 266 -7.58 -13.73 5.65
CA PHE B 266 -8.14 -14.15 4.39
C PHE B 266 -8.71 -15.54 4.50
N MET B 267 -9.06 -16.11 3.35
CA MET B 267 -9.62 -17.45 3.32
C MET B 267 -9.18 -17.99 2.00
N PRO B 268 -8.20 -18.90 2.01
CA PRO B 268 -7.68 -19.49 0.77
C PRO B 268 -8.58 -20.54 0.10
N GLY B 269 -8.50 -20.61 -1.23
CA GLY B 269 -9.29 -21.54 -2.00
C GLY B 269 -8.48 -21.99 -3.20
N PHE B 270 -8.43 -23.31 -3.43
CA PHE B 270 -7.68 -23.84 -4.55
C PHE B 270 -8.60 -23.94 -5.77
N ALA B 271 -8.01 -24.09 -6.95
CA ALA B 271 -8.81 -24.18 -8.17
C ALA B 271 -9.26 -25.58 -8.56
N PRO B 272 -8.45 -26.31 -9.36
CA PRO B 272 -8.97 -27.62 -9.72
C PRO B 272 -9.12 -28.50 -8.51
N LEU B 273 -10.35 -28.65 -8.04
CA LEU B 273 -10.56 -29.51 -6.90
C LEU B 273 -11.58 -30.56 -7.30
N THR B 274 -11.16 -31.44 -8.19
CA THR B 274 -12.03 -32.50 -8.69
C THR B 274 -11.59 -33.89 -8.20
N SER B 275 -12.54 -34.77 -7.95
CA SER B 275 -12.25 -36.13 -7.49
C SER B 275 -11.36 -36.83 -8.50
N ARG B 276 -10.55 -37.78 -8.06
CA ARG B 276 -9.62 -38.45 -8.98
C ARG B 276 -10.13 -38.92 -10.35
N GLY B 277 -10.30 -40.23 -10.53
CA GLY B 277 -10.76 -40.76 -11.81
C GLY B 277 -11.80 -39.96 -12.57
N SER B 278 -13.06 -40.37 -12.45
CA SER B 278 -14.21 -39.72 -13.09
C SER B 278 -14.10 -38.24 -13.31
N GLN B 279 -14.53 -37.48 -12.30
CA GLN B 279 -14.54 -36.03 -12.32
C GLN B 279 -13.53 -35.36 -13.26
N GLN B 280 -12.34 -35.97 -13.42
CA GLN B 280 -11.23 -35.51 -14.28
C GLN B 280 -11.86 -35.08 -15.60
N TYR B 281 -12.70 -34.06 -15.43
CA TYR B 281 -13.47 -33.46 -16.47
C TYR B 281 -12.68 -32.50 -17.29
N ARG B 282 -11.60 -31.98 -16.72
CA ARG B 282 -10.76 -31.04 -17.44
C ARG B 282 -11.50 -29.76 -17.70
N ALA B 283 -12.74 -29.64 -17.24
CA ALA B 283 -13.46 -28.39 -17.45
C ALA B 283 -12.61 -27.43 -16.62
N LEU B 284 -11.53 -26.96 -17.22
CA LEU B 284 -10.63 -26.06 -16.56
C LEU B 284 -10.25 -24.98 -17.55
N THR B 285 -11.08 -24.71 -18.56
CA THR B 285 -10.74 -23.70 -19.55
C THR B 285 -10.36 -22.41 -18.80
N VAL B 286 -11.12 -22.08 -17.76
CA VAL B 286 -10.91 -20.92 -16.88
C VAL B 286 -12.22 -20.54 -16.21
N PRO B 287 -13.29 -20.37 -16.99
CA PRO B 287 -14.54 -20.02 -16.31
C PRO B 287 -14.81 -21.08 -15.29
N GLU B 288 -14.19 -22.23 -15.45
CA GLU B 288 -14.40 -23.32 -14.55
C GLU B 288 -13.64 -23.11 -13.27
N LEU B 289 -12.49 -22.45 -13.35
CA LEU B 289 -11.71 -22.17 -12.15
C LEU B 289 -12.36 -21.06 -11.32
N THR B 290 -12.82 -20.00 -11.98
CA THR B 290 -13.47 -18.94 -11.26
C THR B 290 -14.79 -19.49 -10.76
N GLN B 291 -15.39 -20.40 -11.51
CA GLN B 291 -16.63 -20.98 -11.06
C GLN B 291 -16.27 -21.53 -9.69
N GLN B 292 -15.27 -22.41 -9.68
CA GLN B 292 -14.80 -23.03 -8.45
C GLN B 292 -14.54 -21.94 -7.41
N MET B 293 -13.29 -21.52 -7.32
CA MET B 293 -12.82 -20.50 -6.38
C MET B 293 -13.87 -19.60 -5.75
N PHE B 294 -14.74 -19.01 -6.56
CA PHE B 294 -15.74 -18.10 -6.02
C PHE B 294 -17.03 -18.63 -5.47
N ASP B 295 -17.16 -19.95 -5.34
CA ASP B 295 -18.40 -20.49 -4.79
C ASP B 295 -18.26 -20.48 -3.26
N ALA B 296 -19.36 -20.74 -2.56
CA ALA B 296 -19.32 -20.78 -1.11
C ALA B 296 -18.39 -21.95 -0.79
N LYS B 297 -18.95 -23.16 -0.74
CA LYS B 297 -18.12 -24.31 -0.48
C LYS B 297 -16.90 -24.13 -1.34
N ASN B 298 -15.77 -24.58 -0.84
CA ASN B 298 -14.48 -24.48 -1.52
C ASN B 298 -13.65 -23.40 -0.88
N MET B 299 -14.19 -22.75 0.14
CA MET B 299 -13.46 -21.73 0.87
C MET B 299 -12.97 -22.39 2.15
N MET B 300 -11.67 -22.69 2.22
CA MET B 300 -11.11 -23.36 3.38
C MET B 300 -11.58 -22.81 4.70
N ALA B 301 -12.13 -21.60 4.68
CA ALA B 301 -12.66 -20.96 5.87
C ALA B 301 -13.94 -21.67 6.26
N ALA B 302 -14.48 -21.34 7.42
CA ALA B 302 -15.72 -21.97 7.87
C ALA B 302 -16.86 -21.16 7.33
N CYS B 303 -16.75 -19.86 7.51
CA CYS B 303 -17.80 -18.98 7.06
C CYS B 303 -17.96 -19.02 5.55
N ASP B 304 -19.12 -18.56 5.11
CA ASP B 304 -19.44 -18.54 3.69
C ASP B 304 -19.47 -17.09 3.16
N PRO B 305 -18.64 -16.82 2.16
CA PRO B 305 -18.53 -15.51 1.53
C PRO B 305 -19.88 -14.89 1.29
N ARG B 306 -20.79 -15.71 0.77
CA ARG B 306 -22.14 -15.27 0.47
C ARG B 306 -22.78 -14.57 1.66
N HIS B 307 -22.11 -14.64 2.81
CA HIS B 307 -22.62 -14.02 4.04
C HIS B 307 -21.94 -12.70 4.39
N GLY B 308 -21.28 -12.08 3.41
CA GLY B 308 -20.59 -10.83 3.67
C GLY B 308 -19.67 -10.41 2.54
N ARG B 309 -19.75 -9.13 2.17
CA ARG B 309 -18.95 -8.55 1.10
C ARG B 309 -17.48 -8.93 1.17
N TYR B 310 -16.76 -8.55 0.13
CA TYR B 310 -15.33 -8.79 0.07
C TYR B 310 -14.67 -7.41 0.03
N LEU B 311 -13.41 -7.34 0.41
CA LEU B 311 -12.70 -6.08 0.37
C LEU B 311 -11.72 -6.26 -0.75
N THR B 312 -11.10 -7.42 -0.76
CA THR B 312 -10.12 -7.71 -1.78
C THR B 312 -10.14 -9.19 -2.10
N VAL B 313 -9.63 -9.50 -3.27
CA VAL B 313 -9.58 -10.86 -3.72
C VAL B 313 -8.33 -10.96 -4.58
N ALA B 314 -7.68 -12.11 -4.54
CA ALA B 314 -6.46 -12.30 -5.30
C ALA B 314 -6.44 -13.65 -5.93
N ALA B 315 -6.84 -13.72 -7.19
CA ALA B 315 -6.83 -14.99 -7.87
C ALA B 315 -5.43 -15.14 -8.36
N VAL B 316 -4.63 -15.90 -7.64
CA VAL B 316 -3.27 -16.11 -8.05
C VAL B 316 -3.24 -17.38 -8.92
N PHE B 317 -3.52 -17.22 -10.23
CA PHE B 317 -3.52 -18.34 -11.16
C PHE B 317 -2.09 -18.72 -11.49
N ARG B 318 -1.88 -19.96 -11.90
CA ARG B 318 -0.55 -20.45 -12.27
C ARG B 318 -0.64 -21.56 -13.31
N GLY B 319 -0.80 -21.17 -14.57
CA GLY B 319 -0.92 -22.11 -15.68
C GLY B 319 -1.25 -21.27 -16.90
N ARG B 320 -0.55 -21.48 -18.01
CA ARG B 320 -0.78 -20.70 -19.24
C ARG B 320 -2.24 -20.43 -19.64
N MET B 321 -2.60 -19.15 -19.63
CA MET B 321 -3.95 -18.69 -19.97
C MET B 321 -3.92 -17.27 -20.54
N SER B 322 -5.04 -16.88 -21.15
CA SER B 322 -5.20 -15.58 -21.78
C SER B 322 -5.48 -14.45 -20.81
N MET B 323 -4.56 -13.50 -20.75
CA MET B 323 -4.70 -12.34 -19.89
C MET B 323 -6.00 -11.66 -20.22
N LYS B 324 -6.69 -12.20 -21.22
CA LYS B 324 -7.97 -11.69 -21.65
C LYS B 324 -9.06 -12.51 -20.99
N GLU B 325 -9.01 -13.83 -21.15
CA GLU B 325 -10.04 -14.68 -20.55
C GLU B 325 -9.92 -14.72 -19.03
N VAL B 326 -8.85 -14.12 -18.53
CA VAL B 326 -8.61 -14.05 -17.09
C VAL B 326 -9.15 -12.71 -16.66
N ASP B 327 -8.52 -11.67 -17.18
CA ASP B 327 -8.92 -10.32 -16.85
C ASP B 327 -10.40 -10.13 -17.09
N GLU B 328 -10.93 -10.81 -18.09
CA GLU B 328 -12.35 -10.69 -18.42
C GLU B 328 -13.27 -11.35 -17.40
N GLN B 329 -13.15 -12.66 -17.27
CA GLN B 329 -13.96 -13.43 -16.33
C GLN B 329 -14.13 -12.66 -15.03
N MET B 330 -13.00 -12.34 -14.41
CA MET B 330 -12.96 -11.60 -13.15
C MET B 330 -14.01 -10.51 -13.08
N LEU B 331 -14.24 -9.87 -14.23
CA LEU B 331 -15.20 -8.79 -14.33
C LEU B 331 -16.65 -9.25 -14.13
N ASN B 332 -17.14 -10.07 -15.04
CA ASN B 332 -18.51 -10.57 -14.93
C ASN B 332 -18.70 -10.98 -13.50
N VAL B 333 -17.73 -11.73 -12.98
CA VAL B 333 -17.80 -12.17 -11.60
C VAL B 333 -18.04 -10.99 -10.69
N GLN B 334 -17.36 -9.88 -10.96
CA GLN B 334 -17.50 -8.67 -10.16
C GLN B 334 -18.83 -7.97 -10.37
N ASN B 335 -19.53 -8.34 -11.44
CA ASN B 335 -20.82 -7.72 -11.74
C ASN B 335 -22.01 -8.61 -11.41
N LYS B 336 -21.84 -9.92 -11.56
CA LYS B 336 -22.93 -10.84 -11.24
C LYS B 336 -23.16 -10.81 -9.73
N ASN B 337 -22.12 -10.43 -9.00
CA ASN B 337 -22.20 -10.41 -7.55
C ASN B 337 -21.88 -9.04 -6.95
N SER B 338 -22.21 -7.98 -7.70
CA SER B 338 -21.96 -6.62 -7.24
C SER B 338 -22.46 -6.50 -5.80
N SER B 339 -23.55 -7.22 -5.53
CA SER B 339 -24.17 -7.25 -4.22
C SER B 339 -23.06 -7.40 -3.18
N TYR B 340 -22.42 -8.56 -3.14
CA TYR B 340 -21.35 -8.77 -2.19
C TYR B 340 -19.98 -8.73 -2.82
N PHE B 341 -19.34 -7.58 -2.67
CA PHE B 341 -18.02 -7.34 -3.23
C PHE B 341 -17.58 -5.95 -2.85
N VAL B 342 -18.32 -5.31 -1.95
CA VAL B 342 -18.04 -3.94 -1.48
C VAL B 342 -17.87 -3.00 -2.67
N GLU B 343 -18.27 -1.74 -2.51
CA GLU B 343 -18.19 -0.82 -3.64
C GLU B 343 -17.07 0.19 -3.64
N TRP B 344 -16.72 0.74 -2.49
CA TRP B 344 -15.67 1.75 -2.45
C TRP B 344 -14.31 1.30 -2.96
N ILE B 345 -14.30 0.19 -3.69
CA ILE B 345 -13.10 -0.33 -4.32
C ILE B 345 -13.57 -0.70 -5.71
N PRO B 346 -13.31 0.17 -6.68
CA PRO B 346 -13.73 -0.12 -8.05
C PRO B 346 -13.34 -1.52 -8.56
N ASN B 347 -12.12 -1.96 -8.25
CA ASN B 347 -11.68 -3.27 -8.69
C ASN B 347 -11.11 -4.08 -7.53
N ASN B 348 -12.00 -4.69 -6.75
CA ASN B 348 -11.61 -5.47 -5.59
C ASN B 348 -10.58 -6.51 -5.97
N VAL B 349 -10.89 -7.23 -7.02
CA VAL B 349 -10.04 -8.30 -7.47
C VAL B 349 -8.64 -7.90 -7.89
N LYS B 350 -7.68 -8.76 -7.52
CA LYS B 350 -6.27 -8.57 -7.84
C LYS B 350 -5.91 -9.80 -8.64
N THR B 351 -5.96 -9.68 -9.96
CA THR B 351 -5.62 -10.78 -10.83
C THR B 351 -4.12 -10.93 -10.84
N ALA B 352 -3.67 -12.16 -10.66
CA ALA B 352 -2.26 -12.48 -10.64
C ALA B 352 -2.13 -13.63 -11.59
N VAL B 353 -1.00 -13.73 -12.29
CA VAL B 353 -0.84 -14.81 -13.25
C VAL B 353 0.57 -15.34 -13.45
N CYS B 354 0.81 -16.50 -12.88
CA CYS B 354 2.09 -17.19 -13.01
C CYS B 354 2.06 -17.85 -14.38
N ASP B 355 3.00 -18.76 -14.62
CA ASP B 355 3.05 -19.47 -15.88
C ASP B 355 3.01 -20.95 -15.58
N ILE B 356 4.11 -21.51 -15.10
CA ILE B 356 4.16 -22.92 -14.77
C ILE B 356 3.10 -23.24 -13.73
N PRO B 357 2.32 -24.32 -13.95
CA PRO B 357 1.26 -24.74 -13.04
C PRO B 357 1.70 -25.80 -12.03
N PRO B 358 0.77 -26.28 -11.20
CA PRO B 358 1.13 -27.30 -10.22
C PRO B 358 1.61 -28.54 -10.96
N ARG B 359 2.90 -28.83 -10.80
CA ARG B 359 3.56 -29.95 -11.43
C ARG B 359 2.70 -30.79 -12.37
N GLY B 360 1.84 -31.64 -11.82
CA GLY B 360 1.02 -32.51 -12.66
C GLY B 360 -0.26 -31.99 -13.28
N LEU B 361 -0.60 -30.74 -13.00
CA LEU B 361 -1.85 -30.18 -13.51
C LEU B 361 -1.64 -29.22 -14.68
N LYS B 362 -2.72 -28.96 -15.43
CA LYS B 362 -2.66 -28.05 -16.58
C LYS B 362 -2.93 -26.60 -16.22
N MET B 363 -3.87 -26.38 -15.30
CA MET B 363 -4.22 -25.03 -14.89
C MET B 363 -4.88 -24.99 -13.52
N SER B 364 -4.34 -24.14 -12.66
CA SER B 364 -4.84 -23.93 -11.30
C SER B 364 -4.87 -22.45 -10.98
N ALA B 365 -5.38 -22.10 -9.80
CA ALA B 365 -5.47 -20.71 -9.36
C ALA B 365 -5.84 -20.58 -7.89
N THR B 366 -4.87 -20.16 -7.10
CA THR B 366 -5.08 -19.98 -5.69
C THR B 366 -5.94 -18.75 -5.47
N PHE B 367 -6.82 -18.82 -4.48
CA PHE B 367 -7.72 -17.74 -4.15
C PHE B 367 -7.45 -17.27 -2.74
N ILE B 368 -7.25 -15.97 -2.59
CA ILE B 368 -6.98 -15.42 -1.28
C ILE B 368 -7.99 -14.34 -1.07
N GLY B 369 -9.08 -14.66 -0.40
CA GLY B 369 -10.13 -13.69 -0.18
C GLY B 369 -10.13 -12.95 1.15
N ASN B 370 -10.32 -11.64 1.08
CA ASN B 370 -10.38 -10.82 2.27
C ASN B 370 -11.80 -10.41 2.52
N SER B 371 -12.69 -11.37 2.68
CA SER B 371 -14.08 -11.00 2.89
C SER B 371 -14.46 -10.69 4.32
N THR B 372 -15.46 -9.82 4.42
CA THR B 372 -16.01 -9.34 5.67
C THR B 372 -16.78 -10.46 6.32
N ALA B 373 -16.91 -11.56 5.62
CA ALA B 373 -17.64 -12.70 6.14
C ALA B 373 -16.94 -13.29 7.34
N ILE B 374 -15.62 -13.22 7.37
CA ILE B 374 -14.88 -13.80 8.46
C ILE B 374 -15.21 -13.13 9.76
N GLN B 375 -16.16 -12.22 9.72
CA GLN B 375 -16.62 -11.55 10.92
C GLN B 375 -17.32 -12.66 11.71
N GLU B 376 -18.21 -13.37 11.03
CA GLU B 376 -18.94 -14.47 11.60
C GLU B 376 -18.12 -15.66 12.01
N LEU B 377 -16.90 -15.44 12.48
CA LEU B 377 -16.08 -16.56 12.95
C LEU B 377 -15.42 -16.12 14.22
N PHE B 378 -14.91 -14.90 14.20
CA PHE B 378 -14.28 -14.36 15.38
C PHE B 378 -15.42 -14.12 16.33
N LYS B 379 -16.63 -13.98 15.78
CA LYS B 379 -17.82 -13.82 16.60
C LYS B 379 -17.89 -15.12 17.37
N ARG B 380 -18.01 -16.20 16.61
CA ARG B 380 -18.09 -17.54 17.16
C ARG B 380 -17.10 -17.65 18.30
N ILE B 381 -15.83 -17.69 17.95
CA ILE B 381 -14.77 -17.78 18.93
C ILE B 381 -15.08 -16.90 20.12
N SER B 382 -15.18 -15.60 19.87
CA SER B 382 -15.45 -14.64 20.93
C SER B 382 -16.62 -15.05 21.80
N GLU B 383 -17.66 -15.62 21.20
CA GLU B 383 -18.80 -16.08 21.98
C GLU B 383 -18.34 -17.15 22.97
N GLN B 384 -17.89 -18.28 22.43
CA GLN B 384 -17.40 -19.40 23.24
C GLN B 384 -16.62 -18.93 24.45
N PHE B 385 -15.81 -17.90 24.26
CA PHE B 385 -15.01 -17.36 25.34
C PHE B 385 -15.93 -16.94 26.46
N THR B 386 -16.56 -15.78 26.27
CA THR B 386 -17.50 -15.24 27.23
C THR B 386 -18.37 -16.28 27.95
N ALA B 387 -19.03 -17.15 27.18
CA ALA B 387 -19.90 -18.17 27.77
C ALA B 387 -19.18 -18.99 28.81
N MET B 388 -17.85 -19.10 28.66
CA MET B 388 -17.04 -19.86 29.61
C MET B 388 -16.18 -18.99 30.46
N PHE B 389 -15.82 -17.84 29.94
CA PHE B 389 -15.02 -16.96 30.72
C PHE B 389 -15.90 -16.60 31.88
N ARG B 390 -17.10 -16.12 31.57
CA ARG B 390 -18.03 -15.73 32.62
C ARG B 390 -17.87 -16.59 33.88
N ARG B 391 -17.67 -17.90 33.71
CA ARG B 391 -17.53 -18.77 34.87
C ARG B 391 -16.08 -19.16 35.16
N LYS B 392 -15.15 -18.51 34.45
CA LYS B 392 -13.72 -18.75 34.63
C LYS B 392 -13.35 -20.21 34.48
N ALA B 393 -14.18 -20.94 33.74
CA ALA B 393 -14.04 -22.38 33.50
C ALA B 393 -12.68 -22.93 33.80
N PHE B 394 -11.90 -23.27 32.79
CA PHE B 394 -10.57 -23.81 33.06
C PHE B 394 -9.57 -22.68 33.11
N LEU B 395 -9.85 -21.70 33.93
CA LEU B 395 -8.96 -20.58 34.03
C LEU B 395 -7.79 -20.82 34.97
N HIS B 396 -8.00 -21.64 36.00
CA HIS B 396 -6.91 -21.88 36.94
C HIS B 396 -5.64 -22.45 36.28
N TRP B 397 -5.80 -23.09 35.12
CA TRP B 397 -4.67 -23.66 34.41
C TRP B 397 -3.89 -22.58 33.71
N TYR B 398 -4.47 -21.39 33.63
CA TYR B 398 -3.80 -20.26 33.00
C TYR B 398 -3.15 -19.47 34.10
N THR B 399 -3.98 -18.87 34.95
CA THR B 399 -3.49 -18.06 36.07
C THR B 399 -2.41 -18.82 36.84
N GLY B 400 -2.73 -20.04 37.25
CA GLY B 400 -1.78 -20.87 38.00
C GLY B 400 -0.46 -21.00 37.27
N GLU B 401 -0.42 -20.50 36.04
CA GLU B 401 0.79 -20.55 35.23
C GLU B 401 1.34 -19.14 35.10
N GLY B 402 0.92 -18.26 35.99
CA GLY B 402 1.39 -16.90 35.91
C GLY B 402 0.74 -16.23 34.72
N MET B 403 -0.52 -15.84 34.90
CA MET B 403 -1.28 -15.17 33.87
C MET B 403 -2.00 -14.02 34.57
N ASP B 404 -2.96 -13.42 33.90
CA ASP B 404 -3.68 -12.30 34.49
C ASP B 404 -5.17 -12.38 34.13
N GLU B 405 -6.02 -11.92 35.05
CA GLU B 405 -7.46 -11.92 34.84
C GLU B 405 -7.81 -10.80 33.87
N MET B 406 -6.85 -9.90 33.67
CA MET B 406 -7.01 -8.77 32.78
C MET B 406 -6.45 -9.12 31.39
N GLU B 407 -5.65 -10.19 31.32
CA GLU B 407 -5.06 -10.64 30.08
C GLU B 407 -6.16 -11.20 29.15
N PHE B 408 -6.99 -12.06 29.71
CA PHE B 408 -8.08 -12.65 28.97
C PHE B 408 -9.04 -11.56 28.57
N THR B 409 -9.28 -10.62 29.48
CA THR B 409 -10.20 -9.52 29.18
C THR B 409 -9.68 -8.83 27.93
N GLU B 410 -8.43 -8.44 28.00
CA GLU B 410 -7.74 -7.78 26.92
C GLU B 410 -8.01 -8.42 25.56
N ALA B 411 -7.49 -9.62 25.38
CA ALA B 411 -7.67 -10.35 24.14
C ALA B 411 -9.09 -10.35 23.62
N GLU B 412 -10.01 -10.92 24.39
CA GLU B 412 -11.38 -10.96 23.93
C GLU B 412 -11.78 -9.63 23.35
N SER B 413 -11.74 -8.59 24.18
CA SER B 413 -12.10 -7.26 23.75
C SER B 413 -11.44 -7.00 22.41
N ASN B 414 -10.12 -6.87 22.42
CA ASN B 414 -9.35 -6.65 21.21
C ASN B 414 -9.96 -7.42 20.05
N MET B 415 -9.76 -8.73 20.07
CA MET B 415 -10.29 -9.58 19.01
C MET B 415 -11.79 -9.37 18.83
N ASN B 416 -12.48 -9.00 19.90
CA ASN B 416 -13.92 -8.76 19.85
C ASN B 416 -14.21 -7.48 19.06
N ASP B 417 -13.38 -6.46 19.27
CA ASP B 417 -13.51 -5.19 18.57
C ASP B 417 -13.23 -5.47 17.10
N LEU B 418 -12.23 -6.33 16.88
CA LEU B 418 -11.80 -6.73 15.55
C LEU B 418 -13.00 -7.19 14.70
N VAL B 419 -14.01 -7.74 15.37
CA VAL B 419 -15.24 -8.20 14.73
C VAL B 419 -16.00 -6.95 14.31
N SER B 420 -16.13 -6.05 15.25
CA SER B 420 -16.81 -4.79 15.05
C SER B 420 -16.36 -4.16 13.72
N GLU B 421 -15.13 -3.70 13.74
CA GLU B 421 -14.49 -3.01 12.61
C GLU B 421 -14.88 -3.64 11.27
N TYR B 422 -14.58 -4.92 11.15
CA TYR B 422 -14.81 -5.68 9.92
C TYR B 422 -16.22 -5.48 9.36
N GLN B 423 -17.14 -5.11 10.23
CA GLN B 423 -18.53 -4.86 9.83
C GLN B 423 -18.67 -3.46 9.23
N GLN B 424 -17.76 -2.60 9.64
CA GLN B 424 -17.72 -1.20 9.21
C GLN B 424 -17.61 -1.08 7.69
N TYR B 425 -17.37 -2.21 7.05
CA TYR B 425 -17.19 -2.24 5.59
C TYR B 425 -18.29 -3.07 4.93
N GLN B 426 -18.76 -4.06 5.65
CA GLN B 426 -19.89 -4.88 5.18
C GLN B 426 -21.07 -3.92 4.97
N ASP B 427 -20.91 -2.72 5.52
CA ASP B 427 -21.92 -1.66 5.43
C ASP B 427 -21.32 -0.37 4.83
N ALA C 20 -18.22 22.30 20.82
CA ALA C 20 -17.68 21.41 19.75
C ALA C 20 -16.75 20.36 20.34
N SER C 21 -16.87 19.12 19.87
CA SER C 21 -16.05 18.04 20.36
C SER C 21 -14.65 18.07 19.72
N VAL C 22 -14.52 18.81 18.62
CA VAL C 22 -13.24 18.93 17.94
C VAL C 22 -13.05 20.36 17.47
N LYS C 23 -12.08 21.06 18.03
CA LYS C 23 -11.83 22.42 17.59
C LYS C 23 -10.44 22.44 16.94
N VAL C 24 -10.31 23.21 15.87
CA VAL C 24 -9.05 23.28 15.15
C VAL C 24 -8.61 24.72 14.95
N ALA C 25 -7.35 24.99 15.26
CA ALA C 25 -6.81 26.34 15.09
C ALA C 25 -5.47 26.26 14.44
N VAL C 26 -5.13 27.27 13.65
CA VAL C 26 -3.81 27.29 13.04
C VAL C 26 -3.14 28.57 13.58
N ARG C 27 -1.82 28.56 13.63
CA ARG C 27 -1.11 29.73 14.14
C ARG C 27 0.19 29.92 13.38
N VAL C 28 0.37 31.12 12.81
CA VAL C 28 1.59 31.42 12.09
C VAL C 28 2.53 32.27 12.99
N ARG C 29 3.82 31.93 12.98
CA ARG C 29 4.83 32.58 13.80
C ARG C 29 5.68 33.61 13.04
N PRO C 30 6.57 34.32 13.76
CA PRO C 30 7.43 35.32 13.11
C PRO C 30 8.50 34.58 12.35
N PHE C 31 9.22 35.29 11.50
CA PHE C 31 10.29 34.61 10.77
C PHE C 31 11.26 34.05 11.80
N ASN C 32 11.92 32.95 11.46
CA ASN C 32 12.88 32.38 12.36
C ASN C 32 14.23 32.66 11.74
N SER C 33 15.30 32.17 12.34
CA SER C 33 16.62 32.45 11.79
C SER C 33 16.89 31.91 10.38
N ARG C 34 16.50 30.67 10.09
CA ARG C 34 16.73 30.12 8.75
C ARG C 34 16.08 31.00 7.69
N GLU C 35 14.85 31.42 7.94
CA GLU C 35 14.11 32.27 7.02
C GLU C 35 14.72 33.66 6.87
N MET C 36 15.31 34.19 7.94
CA MET C 36 15.94 35.51 7.87
C MET C 36 17.15 35.40 6.95
N SER C 37 17.96 34.38 7.19
CA SER C 37 19.16 34.17 6.38
C SER C 37 18.81 33.84 4.95
N ARG C 38 17.54 33.55 4.73
CA ARG C 38 17.07 33.19 3.41
C ARG C 38 16.32 34.33 2.73
N ASP C 39 16.09 35.41 3.47
CA ASP C 39 15.36 36.57 2.95
C ASP C 39 13.98 36.14 2.44
N SER C 40 13.36 35.24 3.20
CA SER C 40 12.05 34.69 2.88
C SER C 40 10.94 35.72 2.88
N LYS C 41 9.98 35.50 1.98
CA LYS C 41 8.81 36.38 1.89
C LYS C 41 7.77 35.69 2.74
N CYS C 42 6.83 36.46 3.26
CA CYS C 42 5.74 35.90 4.03
C CYS C 42 4.73 35.46 2.97
N ILE C 43 4.25 34.22 3.06
CA ILE C 43 3.28 33.73 2.08
C ILE C 43 1.95 33.44 2.75
N ILE C 44 1.87 33.76 4.04
CA ILE C 44 0.65 33.51 4.78
C ILE C 44 -0.04 34.79 5.24
N GLN C 45 -1.36 34.86 5.02
CA GLN C 45 -2.11 36.01 5.50
C GLN C 45 -3.39 35.51 6.13
N MET C 46 -3.93 36.29 7.07
CA MET C 46 -5.10 35.87 7.81
C MET C 46 -6.18 36.92 7.92
N SER C 47 -7.43 36.46 8.03
CA SER C 47 -8.54 37.39 8.15
C SER C 47 -9.65 36.59 8.80
N GLY C 48 -10.11 37.04 9.97
CA GLY C 48 -11.14 36.31 10.66
C GLY C 48 -10.68 34.90 10.98
N SER C 49 -11.46 33.93 10.54
N SER C 49 -11.46 33.93 10.54
CA SER C 49 -11.16 32.53 10.77
CA SER C 49 -11.16 32.53 10.77
C SER C 49 -10.41 31.94 9.59
C SER C 49 -10.40 31.94 9.59
N THR C 50 -10.19 32.74 8.56
CA THR C 50 -9.51 32.30 7.35
C THR C 50 -8.01 32.55 7.21
N THR C 51 -7.31 31.52 6.75
CA THR C 51 -5.88 31.56 6.51
C THR C 51 -5.66 31.25 5.02
N THR C 52 -4.94 32.11 4.31
CA THR C 52 -4.65 31.86 2.91
C THR C 52 -3.13 31.67 2.79
N ILE C 53 -2.72 30.91 1.80
CA ILE C 53 -1.31 30.65 1.57
C ILE C 53 -0.97 30.85 0.09
N VAL C 54 0.09 31.62 -0.15
CA VAL C 54 0.53 31.90 -1.51
C VAL C 54 1.63 30.94 -1.93
N ASN C 55 1.59 30.52 -3.20
CA ASN C 55 2.61 29.63 -3.73
C ASN C 55 3.68 30.57 -4.24
N PRO C 56 4.84 30.62 -3.57
CA PRO C 56 5.94 31.51 -3.99
C PRO C 56 6.33 31.39 -5.45
N LYS C 57 6.07 30.23 -6.04
CA LYS C 57 6.41 30.00 -7.44
C LYS C 57 5.29 30.48 -8.38
N GLN C 58 4.21 30.97 -7.79
CA GLN C 58 3.07 31.42 -8.55
C GLN C 58 2.42 32.62 -7.88
N PRO C 59 3.19 33.71 -7.70
CA PRO C 59 2.64 34.90 -7.06
C PRO C 59 1.38 35.52 -7.67
N LYS C 60 1.18 35.33 -8.97
CA LYS C 60 0.01 35.96 -9.61
C LYS C 60 -1.32 35.19 -9.40
N GLU C 61 -1.29 34.09 -8.66
CA GLU C 61 -2.56 33.50 -8.35
C GLU C 61 -3.25 34.19 -7.17
N THR C 62 -4.49 33.76 -7.03
CA THR C 62 -5.23 33.88 -5.79
C THR C 62 -4.81 32.75 -4.87
N PRO C 63 -4.49 33.12 -3.64
CA PRO C 63 -4.00 32.13 -2.67
C PRO C 63 -5.04 31.10 -2.29
N LYS C 64 -4.57 29.90 -1.95
CA LYS C 64 -5.48 28.86 -1.49
C LYS C 64 -6.01 29.31 -0.13
N SER C 65 -7.31 29.12 0.08
CA SER C 65 -7.93 29.53 1.30
C SER C 65 -8.33 28.35 2.18
N PHE C 66 -8.33 28.58 3.50
CA PHE C 66 -8.69 27.55 4.47
C PHE C 66 -9.42 28.25 5.60
N SER C 67 -10.42 27.60 6.17
CA SER C 67 -11.17 28.19 7.27
C SER C 67 -11.10 27.25 8.46
N PHE C 68 -10.91 27.83 9.65
CA PHE C 68 -10.80 27.03 10.86
C PHE C 68 -11.59 27.66 11.98
N ASP C 69 -11.57 27.02 13.15
CA ASP C 69 -12.26 27.61 14.29
C ASP C 69 -11.48 28.90 14.63
N TYR C 70 -10.16 28.88 14.44
CA TYR C 70 -9.33 30.05 14.70
C TYR C 70 -8.10 30.07 13.82
N SER C 71 -7.78 31.25 13.31
CA SER C 71 -6.57 31.44 12.53
C SER C 71 -5.82 32.52 13.33
N TYR C 72 -4.76 32.10 14.01
CA TYR C 72 -3.98 33.00 14.83
C TYR C 72 -2.80 33.66 14.12
N TRP C 73 -2.86 34.97 14.03
CA TRP C 73 -1.80 35.74 13.40
C TRP C 73 -0.79 36.20 14.48
N SER C 74 0.32 35.47 14.61
CA SER C 74 1.38 35.77 15.58
C SER C 74 2.68 35.91 14.81
N HIS C 75 2.58 36.49 13.63
CA HIS C 75 3.74 36.67 12.78
C HIS C 75 4.54 37.93 13.06
N THR C 76 4.04 38.75 13.98
CA THR C 76 4.71 40.00 14.29
C THR C 76 5.26 40.09 15.71
N SER C 77 4.41 40.50 16.66
CA SER C 77 4.85 40.61 18.03
C SER C 77 3.84 41.33 18.92
N PRO C 78 3.93 41.08 20.25
CA PRO C 78 3.02 41.71 21.25
C PRO C 78 2.98 43.23 21.13
N GLU C 79 3.98 43.84 20.52
CA GLU C 79 3.95 45.30 20.36
C GLU C 79 2.88 45.68 19.33
N ASP C 80 2.54 44.71 18.48
CA ASP C 80 1.56 44.89 17.44
C ASP C 80 0.16 44.81 18.07
N ILE C 81 -0.75 45.68 17.65
CA ILE C 81 -2.09 45.60 18.22
C ILE C 81 -2.73 44.27 17.81
N ASN C 82 -2.47 43.84 16.59
CA ASN C 82 -3.04 42.56 16.17
C ASN C 82 -1.95 41.51 16.15
N TYR C 83 -1.78 40.87 17.28
CA TYR C 83 -0.86 39.81 17.43
C TYR C 83 -1.54 38.87 18.35
N ALA C 84 -1.58 37.60 17.98
CA ALA C 84 -2.28 36.62 18.81
C ALA C 84 -1.26 36.17 19.83
N SER C 85 -1.48 36.59 21.07
CA SER C 85 -0.60 36.29 22.19
C SER C 85 -0.88 34.92 22.78
N GLN C 86 0.02 34.47 23.65
CA GLN C 86 -0.12 33.20 24.33
C GLN C 86 -1.40 33.24 25.15
N LYS C 87 -1.69 34.42 25.70
CA LYS C 87 -2.86 34.61 26.53
C LYS C 87 -4.15 34.46 25.73
N GLN C 88 -4.17 35.00 24.52
CA GLN C 88 -5.34 34.94 23.66
C GLN C 88 -5.63 33.49 23.25
N VAL C 89 -4.60 32.78 22.81
CA VAL C 89 -4.73 31.40 22.38
C VAL C 89 -5.24 30.51 23.52
N TYR C 90 -4.70 30.71 24.71
CA TYR C 90 -5.13 29.92 25.86
C TYR C 90 -6.58 30.19 26.27
N ARG C 91 -6.99 31.44 26.19
CA ARG C 91 -8.34 31.80 26.59
C ARG C 91 -9.42 31.35 25.60
N ASP C 92 -9.03 31.06 24.37
CA ASP C 92 -10.01 30.58 23.39
C ASP C 92 -10.07 29.06 23.46
N ILE C 93 -8.90 28.43 23.38
N ILE C 93 -8.90 28.43 23.38
CA ILE C 93 -8.81 26.99 23.39
CA ILE C 93 -8.80 26.98 23.40
C ILE C 93 -8.58 26.32 24.75
C ILE C 93 -8.57 26.32 24.75
N GLY C 94 -7.55 26.75 25.46
CA GLY C 94 -7.25 26.15 26.75
C GLY C 94 -8.27 26.34 27.86
N GLU C 95 -8.74 27.56 28.02
CA GLU C 95 -9.70 27.88 29.06
C GLU C 95 -10.97 27.03 29.00
N GLU C 96 -11.54 26.89 27.79
CA GLU C 96 -12.78 26.10 27.62
C GLU C 96 -12.54 24.61 27.84
N MET C 97 -11.31 24.16 27.63
CA MET C 97 -10.99 22.76 27.83
C MET C 97 -10.97 22.45 29.33
N LEU C 98 -10.32 23.32 30.09
CA LEU C 98 -10.23 23.18 31.53
C LEU C 98 -11.64 23.14 32.07
N GLN C 99 -12.51 23.98 31.55
CA GLN C 99 -13.88 23.98 32.02
C GLN C 99 -14.55 22.64 31.74
N HIS C 100 -14.23 22.02 30.60
N HIS C 100 -14.22 22.02 30.60
CA HIS C 100 -14.81 20.72 30.29
CA HIS C 100 -14.85 20.74 30.29
C HIS C 100 -14.32 19.66 31.27
C HIS C 100 -14.33 19.67 31.26
N ALA C 101 -13.13 19.88 31.81
CA ALA C 101 -12.55 18.95 32.77
C ALA C 101 -13.23 19.11 34.13
N PHE C 102 -13.60 20.34 34.47
CA PHE C 102 -14.27 20.58 35.73
C PHE C 102 -15.67 19.96 35.67
N GLU C 103 -16.19 19.84 34.45
CA GLU C 103 -17.51 19.25 34.27
C GLU C 103 -17.50 17.74 34.28
N GLY C 104 -16.31 17.16 34.52
CA GLY C 104 -16.18 15.71 34.61
C GLY C 104 -15.72 14.90 33.42
N TYR C 105 -15.38 15.52 32.29
CA TYR C 105 -14.96 14.75 31.14
C TYR C 105 -13.51 14.98 30.69
N ASN C 106 -12.97 14.03 29.91
CA ASN C 106 -11.58 14.12 29.43
C ASN C 106 -11.37 15.06 28.25
N VAL C 107 -10.19 15.65 28.18
CA VAL C 107 -9.84 16.58 27.12
C VAL C 107 -8.43 16.35 26.56
N CYS C 108 -8.21 16.85 25.35
CA CYS C 108 -6.93 16.71 24.67
C CYS C 108 -6.64 17.97 23.89
N ILE C 109 -5.37 18.39 23.91
CA ILE C 109 -4.96 19.54 23.13
C ILE C 109 -3.66 19.15 22.45
N PHE C 110 -3.67 19.13 21.13
CA PHE C 110 -2.48 18.74 20.36
C PHE C 110 -1.89 19.92 19.62
N ALA C 111 -0.55 19.95 19.54
CA ALA C 111 0.12 20.92 18.76
C ALA C 111 0.70 20.16 17.63
N TYR C 112 0.32 20.52 16.40
CA TYR C 112 0.76 19.76 15.22
C TYR C 112 1.49 20.64 14.23
N GLY C 113 2.51 20.11 13.59
CA GLY C 113 3.21 20.92 12.62
C GLY C 113 4.67 20.62 12.39
N GLN C 114 5.22 21.25 11.36
CA GLN C 114 6.61 21.09 10.98
C GLN C 114 7.55 21.50 12.12
N THR C 115 8.71 20.86 12.18
CA THR C 115 9.72 21.19 13.19
C THR C 115 10.08 22.64 13.00
N GLY C 116 10.09 23.39 14.10
CA GLY C 116 10.42 24.80 14.03
C GLY C 116 9.25 25.71 13.75
N ALA C 117 8.06 25.15 13.54
CA ALA C 117 6.87 25.95 13.22
C ALA C 117 6.22 26.62 14.43
N GLY C 118 6.46 26.06 15.62
CA GLY C 118 5.91 26.69 16.81
C GLY C 118 5.11 25.84 17.75
N LYS C 119 5.26 24.52 17.66
CA LYS C 119 4.51 23.61 18.52
C LYS C 119 4.87 23.72 20.00
N SER C 120 6.16 23.65 20.32
CA SER C 120 6.61 23.75 21.72
C SER C 120 6.32 25.13 22.32
N TYR C 121 6.51 26.17 21.51
CA TYR C 121 6.25 27.53 21.98
C TYR C 121 4.78 27.71 22.37
N THR C 122 3.89 27.12 21.58
CA THR C 122 2.45 27.22 21.82
C THR C 122 2.00 26.42 23.03
N MET C 123 2.59 25.25 23.21
CA MET C 123 2.24 24.36 24.32
C MET C 123 2.93 24.67 25.66
N MET C 124 4.24 24.86 25.64
CA MET C 124 4.95 25.15 26.87
C MET C 124 5.40 26.61 26.86
N GLY C 125 5.83 27.08 25.70
CA GLY C 125 6.25 28.46 25.59
C GLY C 125 7.55 28.72 26.31
N LYS C 126 7.72 29.95 26.77
CA LYS C 126 8.93 30.29 27.47
C LYS C 126 8.74 30.51 28.93
N GLN C 127 9.85 30.40 29.64
CA GLN C 127 9.90 30.52 31.09
C GLN C 127 9.70 31.86 31.69
N GLU C 128 9.79 32.88 30.84
N GLU C 128 9.78 32.88 30.84
CA GLU C 128 9.66 34.27 31.27
CA GLU C 128 9.68 34.26 31.29
C GLU C 128 8.28 34.86 31.36
C GLU C 128 8.30 34.85 31.38
N LYS C 129 8.23 36.17 31.55
CA LYS C 129 6.94 36.84 31.66
C LYS C 129 6.26 37.03 30.33
N ASP C 130 5.00 36.66 30.24
CA ASP C 130 4.32 36.89 28.96
C ASP C 130 4.51 35.70 28.01
N GLN C 131 5.49 34.83 28.12
CA GLN C 131 5.56 33.89 27.04
C GLN C 131 5.13 32.46 27.28
N GLN C 132 4.39 32.27 28.36
N GLN C 132 4.39 32.27 28.36
CA GLN C 132 4.05 30.88 28.75
CA GLN C 132 4.05 30.88 28.75
C GLN C 132 2.90 30.32 27.90
C GLN C 132 2.90 30.32 27.90
N GLY C 133 3.12 29.08 27.49
CA GLY C 133 2.19 28.38 26.64
C GLY C 133 0.92 27.90 27.33
N ILE C 134 0.21 27.05 26.61
CA ILE C 134 -1.04 26.49 27.10
C ILE C 134 -0.89 25.65 28.36
N ILE C 135 0.13 24.81 28.41
CA ILE C 135 0.31 23.98 29.58
C ILE C 135 0.46 24.75 30.91
N PRO C 136 1.43 25.68 31.00
CA PRO C 136 1.54 26.41 32.27
C PRO C 136 0.34 27.30 32.57
N GLN C 137 -0.26 27.89 31.55
CA GLN C 137 -1.42 28.74 31.77
C GLN C 137 -2.60 27.92 32.27
N LEU C 138 -2.78 26.73 31.73
CA LEU C 138 -3.87 25.85 32.13
C LEU C 138 -3.65 25.34 33.54
N CYS C 139 -2.41 24.99 33.86
CA CYS C 139 -2.10 24.51 35.20
C CYS C 139 -2.33 25.61 36.22
N GLU C 140 -1.87 26.81 35.89
CA GLU C 140 -2.03 27.94 36.78
C GLU C 140 -3.50 28.22 37.02
N ASP C 141 -4.28 28.18 35.95
CA ASP C 141 -5.71 28.44 36.01
C ASP C 141 -6.40 27.38 36.89
N LEU C 142 -5.98 26.14 36.74
CA LEU C 142 -6.55 25.03 37.50
C LEU C 142 -6.38 25.22 39.01
N PHE C 143 -5.15 25.41 39.45
CA PHE C 143 -4.87 25.59 40.87
C PHE C 143 -5.51 26.86 41.41
N SER C 144 -5.63 27.87 40.56
CA SER C 144 -6.26 29.12 40.95
C SER C 144 -7.74 28.91 41.22
N ARG C 145 -8.38 28.08 40.41
CA ARG C 145 -9.79 27.80 40.58
C ARG C 145 -9.98 26.91 41.80
N ILE C 146 -9.05 26.00 42.02
CA ILE C 146 -9.12 25.10 43.15
C ILE C 146 -8.97 25.85 44.47
N ASN C 147 -7.85 26.54 44.66
CA ASN C 147 -7.61 27.29 45.89
C ASN C 147 -8.68 28.34 46.14
N ASP C 148 -9.28 28.85 45.07
CA ASP C 148 -10.30 29.86 45.22
C ASP C 148 -11.70 29.26 45.24
N THR C 149 -11.77 27.95 45.45
CA THR C 149 -13.05 27.26 45.53
C THR C 149 -13.44 27.28 47.00
N THR C 150 -14.58 27.90 47.29
CA THR C 150 -15.02 28.01 48.68
C THR C 150 -16.14 27.02 48.98
N ASN C 151 -15.80 25.95 49.71
CA ASN C 151 -16.77 24.92 50.04
C ASN C 151 -16.11 23.77 50.76
N ASP C 152 -16.62 23.45 51.94
CA ASP C 152 -15.93 22.39 52.67
C ASP C 152 -16.18 21.00 52.07
N ASN C 153 -17.27 20.83 51.34
CA ASN C 153 -17.57 19.57 50.71
C ASN C 153 -16.78 19.26 49.44
N MET C 154 -16.00 20.21 48.96
CA MET C 154 -15.22 19.98 47.74
C MET C 154 -13.71 20.05 47.94
N SER C 155 -13.07 18.90 47.79
CA SER C 155 -11.62 18.77 47.90
C SER C 155 -11.14 18.22 46.56
N TYR C 156 -9.85 18.37 46.26
CA TYR C 156 -9.32 17.92 44.98
C TYR C 156 -7.96 17.25 45.09
N SER C 157 -7.58 16.56 44.02
CA SER C 157 -6.28 15.91 43.93
C SER C 157 -5.84 16.10 42.48
N VAL C 158 -4.57 16.42 42.29
CA VAL C 158 -4.01 16.66 40.98
C VAL C 158 -2.77 15.80 40.86
N GLU C 159 -2.75 14.93 39.85
CA GLU C 159 -1.61 14.06 39.62
C GLU C 159 -1.09 14.33 38.23
N VAL C 160 0.22 14.28 38.07
CA VAL C 160 0.80 14.59 36.78
C VAL C 160 1.82 13.58 36.30
N SER C 161 1.91 13.45 34.99
N SER C 161 1.91 13.45 34.99
CA SER C 161 2.85 12.55 34.33
CA SER C 161 2.85 12.55 34.34
C SER C 161 3.35 13.32 33.12
C SER C 161 3.35 13.32 33.12
N TYR C 162 4.61 13.13 32.76
CA TYR C 162 5.19 13.82 31.62
C TYR C 162 6.11 12.80 30.97
N MET C 163 5.89 12.52 29.69
CA MET C 163 6.64 11.49 28.98
C MET C 163 6.89 11.80 27.52
N GLU C 164 7.78 11.03 26.91
CA GLU C 164 8.09 11.16 25.49
C GLU C 164 7.77 9.81 24.84
N ILE C 165 7.11 9.85 23.69
CA ILE C 165 6.82 8.62 22.96
C ILE C 165 7.74 8.66 21.76
N TYR C 166 8.73 7.77 21.78
CA TYR C 166 9.70 7.70 20.70
C TYR C 166 9.85 6.25 20.25
N CYS C 167 9.65 6.03 18.95
CA CYS C 167 9.75 4.70 18.36
C CYS C 167 8.98 3.64 19.14
N GLU C 168 7.72 3.94 19.46
CA GLU C 168 6.91 2.95 20.18
C GLU C 168 7.44 2.72 21.61
N ARG C 169 8.29 3.62 22.12
CA ARG C 169 8.62 3.36 23.51
C ARG C 169 8.59 4.66 24.29
N VAL C 170 8.32 4.46 25.57
CA VAL C 170 8.03 5.61 26.43
C VAL C 170 9.20 6.01 27.34
N ARG C 171 9.40 7.32 27.45
CA ARG C 171 10.47 7.90 28.28
C ARG C 171 9.84 8.81 29.36
N ASP C 172 10.08 8.47 30.63
CA ASP C 172 9.55 9.26 31.74
C ASP C 172 10.39 10.53 31.95
N LEU C 173 9.81 11.68 31.63
CA LEU C 173 10.53 12.95 31.75
C LEU C 173 10.64 13.47 33.19
N LEU C 174 9.89 12.86 34.12
CA LEU C 174 9.91 13.27 35.51
C LEU C 174 10.83 12.41 36.37
N ASN C 175 11.49 11.44 35.75
CA ASN C 175 12.42 10.56 36.45
C ASN C 175 13.71 10.54 35.63
N PRO C 176 14.72 11.31 36.06
CA PRO C 176 16.02 11.42 35.38
C PRO C 176 16.65 10.08 35.02
N LYS C 177 16.58 9.11 35.93
CA LYS C 177 17.14 7.80 35.63
C LYS C 177 15.99 6.90 35.22
N ASN C 178 15.24 7.30 34.21
CA ASN C 178 14.16 6.44 33.82
C ASN C 178 14.70 5.12 33.29
N LYS C 179 14.93 4.18 34.20
CA LYS C 179 15.87 3.16 33.75
C LYS C 179 15.24 2.22 32.71
N GLY C 180 15.46 2.57 31.43
CA GLY C 180 14.90 1.75 30.36
C GLY C 180 13.71 2.41 29.69
N ASN C 181 13.10 1.67 28.73
CA ASN C 181 11.95 2.22 28.03
C ASN C 181 10.68 1.39 28.32
N LEU C 182 9.78 2.09 28.97
CA LEU C 182 8.60 1.52 29.55
C LEU C 182 7.67 1.29 28.38
N ARG C 183 6.84 0.25 28.52
CA ARG C 183 5.89 -0.11 27.47
C ARG C 183 4.48 0.34 27.79
N VAL C 184 3.72 0.62 26.75
CA VAL C 184 2.35 0.90 27.00
C VAL C 184 1.71 -0.44 27.03
N ARG C 185 0.79 -0.66 27.95
CA ARG C 185 0.14 -1.93 28.07
C ARG C 185 -1.36 -1.69 28.14
N GLU C 186 -2.14 -2.73 27.91
CA GLU C 186 -3.59 -2.62 27.96
C GLU C 186 -4.10 -3.44 29.12
N HIS C 187 -4.55 -2.78 30.16
CA HIS C 187 -5.09 -3.50 31.30
C HIS C 187 -6.36 -4.18 30.75
N PRO C 188 -6.54 -5.47 31.05
CA PRO C 188 -7.73 -6.17 30.53
C PRO C 188 -9.07 -5.52 30.85
N LEU C 189 -9.09 -4.57 31.77
CA LEU C 189 -10.33 -3.92 32.15
C LEU C 189 -10.30 -2.40 32.23
N LEU C 190 -9.20 -1.85 32.72
CA LEU C 190 -9.11 -0.40 32.89
C LEU C 190 -8.44 0.44 31.81
N GLY C 191 -8.04 -0.20 30.71
CA GLY C 191 -7.45 0.56 29.62
C GLY C 191 -5.94 0.53 29.47
N PRO C 192 -5.39 1.30 28.51
CA PRO C 192 -3.96 1.33 28.33
C PRO C 192 -3.25 2.15 29.40
N TYR C 193 -1.98 1.83 29.64
CA TYR C 193 -1.22 2.56 30.62
C TYR C 193 0.27 2.26 30.43
N VAL C 194 1.10 3.18 30.89
CA VAL C 194 2.55 3.02 30.79
C VAL C 194 3.07 2.39 32.07
N GLU C 195 3.66 1.21 31.93
CA GLU C 195 4.20 0.49 33.06
C GLU C 195 5.32 1.23 33.78
N ASP C 196 5.25 1.26 35.10
CA ASP C 196 6.25 1.90 35.94
C ASP C 196 6.47 3.37 35.63
N LEU C 197 5.46 4.03 35.06
CA LEU C 197 5.61 5.44 34.76
C LEU C 197 5.26 6.18 36.05
N SER C 198 6.01 7.22 36.36
CA SER C 198 5.76 7.94 37.59
C SER C 198 4.60 8.91 37.44
N LYS C 199 3.71 8.89 38.42
CA LYS C 199 2.55 9.77 38.46
C LYS C 199 2.70 10.51 39.78
N LEU C 200 2.91 11.82 39.71
CA LEU C 200 3.11 12.59 40.92
C LEU C 200 1.97 13.48 41.37
N ALA C 201 1.66 13.41 42.66
CA ALA C 201 0.61 14.22 43.25
C ALA C 201 1.22 15.59 43.53
N VAL C 202 0.54 16.63 43.07
CA VAL C 202 1.02 17.99 43.29
C VAL C 202 -0.10 18.76 43.97
N THR C 203 0.28 19.59 44.93
CA THR C 203 -0.69 20.36 45.69
C THR C 203 -0.63 21.86 45.44
N SER C 204 0.26 22.29 44.57
CA SER C 204 0.37 23.71 44.26
C SER C 204 0.89 23.95 42.85
N TYR C 205 0.69 25.17 42.36
CA TYR C 205 1.14 25.53 41.04
C TYR C 205 2.66 25.57 40.94
N ASN C 206 3.31 26.29 41.87
CA ASN C 206 4.78 26.36 41.81
C ASN C 206 5.35 24.98 41.80
N ASP C 207 4.64 24.03 42.42
CA ASP C 207 5.07 22.63 42.48
C ASP C 207 4.90 21.92 41.14
N ILE C 208 3.78 22.16 40.47
CA ILE C 208 3.57 21.53 39.19
C ILE C 208 4.47 22.24 38.20
N GLN C 209 4.72 23.52 38.46
CA GLN C 209 5.59 24.32 37.60
C GLN C 209 7.00 23.77 37.68
N ASP C 210 7.40 23.33 38.87
CA ASP C 210 8.71 22.73 39.11
C ASP C 210 8.87 21.49 38.24
N LEU C 211 7.82 20.67 38.23
CA LEU C 211 7.83 19.45 37.45
C LEU C 211 7.94 19.75 35.96
N MET C 212 7.20 20.76 35.50
CA MET C 212 7.27 21.13 34.09
C MET C 212 8.69 21.48 33.71
N ASP C 213 9.25 22.47 34.39
CA ASP C 213 10.60 22.93 34.12
C ASP C 213 11.57 21.75 34.12
N SER C 214 11.41 20.88 35.10
CA SER C 214 12.25 19.70 35.22
C SER C 214 12.07 18.78 34.00
N GLY C 215 10.83 18.61 33.56
CA GLY C 215 10.57 17.77 32.40
C GLY C 215 11.02 18.42 31.11
N ASN C 216 10.75 19.72 30.98
CA ASN C 216 11.17 20.44 29.78
C ASN C 216 12.68 20.41 29.64
N LYS C 217 13.35 20.40 30.78
CA LYS C 217 14.80 20.37 30.84
C LYS C 217 15.30 19.07 30.22
N ALA C 218 14.67 17.96 30.62
CA ALA C 218 15.03 16.63 30.14
C ALA C 218 14.81 16.45 28.64
N ARG C 219 13.90 17.22 28.07
CA ARG C 219 13.62 17.13 26.63
C ARG C 219 14.76 17.68 25.78
N THR C 220 15.54 18.61 26.33
CA THR C 220 16.61 19.22 25.57
C THR C 220 18.05 19.10 26.09
N VAL C 221 18.32 18.09 26.91
CA VAL C 221 19.67 17.89 27.39
C VAL C 221 20.54 17.57 26.17
N ALA C 222 21.87 17.55 26.35
CA ALA C 222 22.76 17.27 25.23
C ALA C 222 22.55 15.90 24.58
N ALA C 223 22.37 14.89 25.42
CA ALA C 223 22.18 13.51 24.95
C ALA C 223 20.97 13.33 24.03
N THR C 224 20.02 14.27 24.09
CA THR C 224 18.83 14.19 23.27
C THR C 224 19.10 14.52 21.81
N ASN C 225 20.28 15.08 21.53
CA ASN C 225 20.65 15.43 20.18
C ASN C 225 21.16 14.23 19.40
N MET C 226 21.36 13.11 20.08
CA MET C 226 21.78 11.90 19.41
C MET C 226 20.72 11.42 18.43
N ASN C 227 19.49 11.34 18.93
CA ASN C 227 18.34 10.93 18.14
C ASN C 227 17.36 12.08 18.00
N GLU C 228 17.84 13.28 18.35
CA GLU C 228 17.04 14.49 18.24
C GLU C 228 15.61 14.27 18.68
N THR C 229 15.44 13.64 19.83
CA THR C 229 14.13 13.34 20.37
C THR C 229 13.24 14.54 20.67
N SER C 230 13.82 15.74 20.65
CA SER C 230 13.01 16.92 20.95
C SER C 230 12.05 17.21 19.80
N SER C 231 12.41 16.75 18.60
CA SER C 231 11.58 16.97 17.44
C SER C 231 11.08 15.67 16.76
N ARG C 232 11.50 14.52 17.28
CA ARG C 232 11.11 13.23 16.72
C ARG C 232 10.24 12.38 17.60
N SER C 233 9.94 12.86 18.79
CA SER C 233 9.11 12.09 19.70
C SER C 233 7.92 12.96 20.01
N HIS C 234 6.88 12.34 20.57
CA HIS C 234 5.69 13.07 20.96
C HIS C 234 5.82 13.27 22.47
N ALA C 235 5.58 14.49 22.93
CA ALA C 235 5.67 14.78 24.35
C ALA C 235 4.26 14.86 24.89
N VAL C 236 3.96 14.02 25.86
CA VAL C 236 2.63 13.97 26.45
C VAL C 236 2.63 14.38 27.93
N PHE C 237 1.92 15.46 28.25
CA PHE C 237 1.80 15.97 29.62
C PHE C 237 0.41 15.63 30.15
N ASN C 238 0.31 14.64 31.03
CA ASN C 238 -0.98 14.22 31.56
C ASN C 238 -1.30 14.64 32.97
N ILE C 239 -2.53 15.07 33.17
CA ILE C 239 -3.02 15.49 34.47
C ILE C 239 -4.28 14.69 34.80
N ILE C 240 -4.28 14.04 35.96
CA ILE C 240 -5.45 13.31 36.41
C ILE C 240 -6.10 14.22 37.44
N PHE C 241 -7.22 14.82 37.07
CA PHE C 241 -7.93 15.73 37.97
C PHE C 241 -9.11 15.05 38.65
N THR C 242 -9.04 14.93 39.97
CA THR C 242 -10.09 14.30 40.77
C THR C 242 -10.83 15.33 41.64
N GLN C 243 -12.15 15.36 41.52
CA GLN C 243 -12.98 16.26 42.32
C GLN C 243 -13.75 15.41 43.31
N LYS C 244 -13.54 15.64 44.59
CA LYS C 244 -14.21 14.88 45.62
C LYS C 244 -15.33 15.74 46.23
N ARG C 245 -16.57 15.27 46.09
CA ARG C 245 -17.78 16.00 46.53
C ARG C 245 -18.34 15.39 47.81
N HIS C 246 -18.31 16.14 48.90
CA HIS C 246 -18.84 15.67 50.16
C HIS C 246 -20.31 16.02 50.22
N ASP C 247 -21.07 15.33 51.04
CA ASP C 247 -22.43 15.77 51.14
C ASP C 247 -22.87 15.57 52.57
N ALA C 248 -23.21 16.66 53.26
CA ALA C 248 -23.58 16.61 54.68
C ALA C 248 -24.87 15.88 55.07
N GLU C 249 -25.79 15.75 54.13
CA GLU C 249 -27.08 15.12 54.40
C GLU C 249 -26.88 13.64 54.73
N THR C 250 -26.57 12.88 53.68
CA THR C 250 -26.11 11.52 53.90
C THR C 250 -24.66 11.37 53.43
N ASN C 251 -23.89 11.27 54.50
CA ASN C 251 -22.50 11.71 54.57
C ASN C 251 -21.58 10.83 53.71
N ILE C 252 -21.37 11.28 52.46
CA ILE C 252 -20.52 10.51 51.56
C ILE C 252 -20.08 11.35 50.36
N THR C 253 -18.84 11.05 49.97
CA THR C 253 -18.17 11.72 48.87
C THR C 253 -18.39 10.96 47.55
N THR C 254 -18.52 11.69 46.45
CA THR C 254 -18.64 11.09 45.14
C THR C 254 -17.50 11.70 44.33
N GLU C 255 -16.68 10.82 43.75
N GLU C 255 -16.68 10.83 43.75
CA GLU C 255 -15.50 11.23 42.99
CA GLU C 255 -15.50 11.23 42.99
C GLU C 255 -15.77 11.41 41.50
C GLU C 255 -15.77 11.41 41.50
N LYS C 256 -15.23 12.50 40.95
CA LYS C 256 -15.38 12.82 39.53
C LYS C 256 -13.94 12.93 39.04
N VAL C 257 -13.55 12.09 38.09
CA VAL C 257 -12.19 12.09 37.57
C VAL C 257 -12.09 12.52 36.12
N SER C 258 -11.27 13.54 35.86
CA SER C 258 -11.08 14.04 34.50
C SER C 258 -9.62 13.85 34.11
N LYS C 259 -9.40 13.47 32.86
CA LYS C 259 -8.06 13.26 32.36
C LYS C 259 -7.74 14.32 31.33
N ILE C 260 -6.66 15.05 31.57
CA ILE C 260 -6.24 16.13 30.69
C ILE C 260 -4.91 15.75 30.03
N SER C 261 -4.90 15.69 28.70
CA SER C 261 -3.68 15.34 27.97
C SER C 261 -3.31 16.49 27.05
N LEU C 262 -2.11 17.02 27.28
CA LEU C 262 -1.60 18.15 26.51
C LEU C 262 -0.40 17.59 25.75
N VAL C 263 -0.51 17.58 24.41
CA VAL C 263 0.50 16.97 23.56
C VAL C 263 1.27 17.84 22.58
N ASP C 264 2.58 17.62 22.55
CA ASP C 264 3.49 18.35 21.67
C ASP C 264 4.00 17.29 20.71
N LEU C 265 3.29 17.10 19.60
CA LEU C 265 3.62 16.07 18.60
C LEU C 265 4.96 16.21 17.93
N ALA C 266 5.44 15.09 17.38
CA ALA C 266 6.70 15.05 16.66
C ALA C 266 6.46 15.88 15.40
N GLY C 267 7.55 16.40 14.82
CA GLY C 267 7.46 17.22 13.62
C GLY C 267 6.77 16.48 12.48
N SER C 268 5.79 17.13 11.87
CA SER C 268 4.98 16.54 10.82
C SER C 268 5.69 16.28 9.50
N GLU C 269 6.90 16.79 9.38
CA GLU C 269 7.66 16.62 8.18
C GLU C 269 8.49 15.35 8.18
N ARG C 270 8.66 14.76 9.36
CA ARG C 270 9.43 13.54 9.49
C ARG C 270 8.52 12.31 9.40
N ALA C 271 7.28 12.54 8.95
CA ALA C 271 6.32 11.46 8.81
C ALA C 271 6.53 10.68 7.52
N LYS C 277 15.32 15.08 4.17
CA LYS C 277 15.63 13.68 4.47
C LYS C 277 16.54 13.55 5.68
N GLY C 278 17.06 12.34 5.93
CA GLY C 278 17.93 12.14 7.06
C GLY C 278 17.23 11.41 8.17
N THR C 279 15.96 11.13 7.91
CA THR C 279 15.10 10.41 8.85
C THR C 279 15.23 8.89 8.67
N ARG C 280 15.48 8.18 9.78
CA ARG C 280 15.62 6.72 9.79
C ARG C 280 14.28 6.01 9.39
N LEU C 281 14.32 4.91 8.64
CA LEU C 281 13.09 4.26 8.18
C LEU C 281 12.03 4.06 9.28
N LYS C 282 12.43 3.48 10.40
CA LYS C 282 11.51 3.23 11.48
C LYS C 282 11.03 4.44 12.28
N GLU C 283 11.85 5.49 12.40
CA GLU C 283 11.41 6.69 13.10
C GLU C 283 10.29 7.27 12.26
N GLY C 284 10.59 7.41 10.97
CA GLY C 284 9.64 7.96 10.02
C GLY C 284 8.36 7.16 9.94
N ALA C 285 8.50 5.84 9.88
CA ALA C 285 7.36 4.95 9.80
C ALA C 285 6.43 5.21 10.97
N ASN C 286 6.97 5.10 12.18
CA ASN C 286 6.19 5.31 13.39
C ASN C 286 5.56 6.69 13.49
N ILE C 287 6.33 7.71 13.16
CA ILE C 287 5.81 9.08 13.22
C ILE C 287 4.68 9.26 12.19
N ASN C 288 4.88 8.75 10.98
CA ASN C 288 3.84 8.84 9.95
C ASN C 288 2.61 8.11 10.48
N LYS C 289 2.79 6.86 10.87
CA LYS C 289 1.71 6.05 11.40
C LYS C 289 0.96 6.78 12.52
N SER C 290 1.72 7.35 13.46
CA SER C 290 1.14 8.10 14.59
C SER C 290 0.30 9.29 14.14
N LEU C 291 0.89 10.15 13.32
CA LEU C 291 0.16 11.32 12.85
C LEU C 291 -1.02 10.94 11.94
N THR C 292 -0.82 9.93 11.08
CA THR C 292 -1.89 9.49 10.18
C THR C 292 -3.05 8.93 10.99
N THR C 293 -2.75 8.13 12.00
CA THR C 293 -3.77 7.55 12.85
C THR C 293 -4.53 8.61 13.63
N LEU C 294 -3.79 9.57 14.20
CA LEU C 294 -4.40 10.64 14.98
C LEU C 294 -5.37 11.40 14.10
N GLY C 295 -4.99 11.59 12.84
CA GLY C 295 -5.85 12.31 11.91
C GLY C 295 -7.17 11.59 11.68
N LYS C 296 -7.12 10.27 11.52
CA LYS C 296 -8.33 9.49 11.30
C LYS C 296 -9.24 9.55 12.52
N VAL C 297 -8.63 9.40 13.70
CA VAL C 297 -9.35 9.46 14.96
C VAL C 297 -10.13 10.76 15.10
N ILE C 298 -9.42 11.88 14.97
CA ILE C 298 -10.04 13.20 15.10
C ILE C 298 -11.12 13.44 14.05
N SER C 299 -10.89 13.02 12.82
CA SER C 299 -11.89 13.22 11.76
C SER C 299 -13.12 12.40 12.11
N ALA C 300 -12.91 11.23 12.69
CA ALA C 300 -14.01 10.37 13.09
C ALA C 300 -14.77 11.05 14.23
N LEU C 301 -14.02 11.59 15.18
CA LEU C 301 -14.61 12.29 16.32
C LEU C 301 -15.45 13.47 15.86
N ALA C 302 -14.95 14.20 14.87
CA ALA C 302 -15.67 15.34 14.34
C ALA C 302 -16.86 14.86 13.52
N GLU C 303 -16.75 13.65 13.00
CA GLU C 303 -17.83 13.06 12.21
C GLU C 303 -19.05 12.80 13.07
N MET C 304 -18.82 12.05 14.15
CA MET C 304 -19.83 11.64 15.12
C MET C 304 -20.78 12.71 15.58
N ASP C 305 -20.34 13.95 15.34
CA ASP C 305 -21.03 15.16 15.71
C ASP C 305 -20.52 15.74 17.04
N ILE C 320 -12.96 3.04 14.83
CA ILE C 320 -11.79 3.91 15.01
C ILE C 320 -10.58 3.06 15.43
N PRO C 321 -9.52 3.05 14.60
CA PRO C 321 -8.31 2.28 14.89
C PRO C 321 -7.34 2.95 15.86
N TYR C 322 -7.59 2.75 17.15
CA TYR C 322 -6.76 3.33 18.21
C TYR C 322 -5.43 2.59 18.37
N ARG C 323 -5.48 1.27 18.36
CA ARG C 323 -4.30 0.43 18.53
C ARG C 323 -3.31 0.56 17.38
N ASP C 324 -3.68 1.33 16.34
CA ASP C 324 -2.79 1.48 15.19
C ASP C 324 -1.48 2.21 15.46
N SER C 325 -1.42 2.92 16.58
CA SER C 325 -0.20 3.63 16.96
C SER C 325 -0.20 3.69 18.48
N VAL C 326 0.98 3.78 19.06
CA VAL C 326 1.10 3.85 20.52
C VAL C 326 0.47 5.12 21.07
N LEU C 327 0.67 6.23 20.38
CA LEU C 327 0.11 7.52 20.81
C LEU C 327 -1.40 7.50 20.91
N THR C 328 -2.07 7.12 19.83
CA THR C 328 -3.53 7.09 19.80
C THR C 328 -4.06 5.96 20.67
N TRP C 329 -3.21 4.97 20.94
CA TRP C 329 -3.61 3.86 21.78
C TRP C 329 -3.59 4.30 23.24
N LEU C 330 -2.55 5.02 23.62
CA LEU C 330 -2.42 5.48 25.00
C LEU C 330 -3.47 6.55 25.34
N LEU C 331 -3.87 7.33 24.35
CA LEU C 331 -4.85 8.40 24.58
C LEU C 331 -6.29 8.05 24.18
N ARG C 332 -6.57 6.78 23.94
CA ARG C 332 -7.91 6.38 23.51
C ARG C 332 -9.04 6.97 24.36
N GLU C 333 -8.89 6.89 25.68
CA GLU C 333 -9.90 7.39 26.59
C GLU C 333 -10.11 8.91 26.53
N ASN C 334 -9.11 9.63 26.05
CA ASN C 334 -9.24 11.09 25.95
C ASN C 334 -9.73 11.43 24.55
N LEU C 335 -9.91 10.41 23.73
CA LEU C 335 -10.38 10.60 22.37
C LEU C 335 -11.70 9.87 22.10
N GLY C 336 -12.46 9.60 23.16
CA GLY C 336 -13.73 8.92 23.06
C GLY C 336 -14.85 9.87 22.70
N GLY C 337 -16.06 9.35 22.52
CA GLY C 337 -17.20 10.19 22.15
C GLY C 337 -17.61 11.23 23.19
N ASN C 338 -17.18 11.01 24.43
CA ASN C 338 -17.46 11.88 25.57
C ASN C 338 -16.46 13.04 25.61
N SER C 339 -15.21 12.69 25.33
N SER C 339 -15.21 12.69 25.33
CA SER C 339 -14.06 13.57 25.31
CA SER C 339 -14.06 13.57 25.32
C SER C 339 -14.23 14.80 24.44
C SER C 339 -14.23 14.80 24.44
N ARG C 340 -13.24 15.70 24.51
CA ARG C 340 -13.22 16.92 23.72
C ARG C 340 -11.78 17.09 23.29
N THR C 341 -11.57 17.44 22.03
CA THR C 341 -10.22 17.61 21.54
C THR C 341 -10.08 18.90 20.78
N ALA C 342 -8.86 19.42 20.80
CA ALA C 342 -8.55 20.64 20.09
C ALA C 342 -7.14 20.45 19.60
N MET C 343 -6.87 21.01 18.43
CA MET C 343 -5.55 20.91 17.89
C MET C 343 -5.14 22.29 17.44
N VAL C 344 -3.86 22.61 17.65
CA VAL C 344 -3.35 23.90 17.21
C VAL C 344 -2.25 23.52 16.26
N ALA C 345 -2.43 23.87 15.00
CA ALA C 345 -1.44 23.54 13.98
C ALA C 345 -0.55 24.74 13.76
N ALA C 346 0.75 24.54 14.04
CA ALA C 346 1.75 25.59 13.91
C ALA C 346 2.15 25.76 12.46
N LEU C 347 2.25 27.01 12.02
CA LEU C 347 2.62 27.31 10.65
C LEU C 347 3.84 28.23 10.51
N SER C 348 4.74 27.90 9.59
CA SER C 348 5.87 28.76 9.28
C SER C 348 5.29 29.76 8.28
N PRO C 349 5.70 31.05 8.35
CA PRO C 349 5.20 32.13 7.47
C PRO C 349 5.89 32.19 6.09
N ALA C 350 7.15 31.71 5.97
CA ALA C 350 8.12 31.91 4.91
C ALA C 350 7.72 31.18 3.63
N ASP C 351 8.34 31.59 2.51
CA ASP C 351 8.03 30.95 1.24
C ASP C 351 8.68 29.57 1.11
N ILE C 352 9.88 29.46 1.68
CA ILE C 352 10.66 28.24 1.61
C ILE C 352 9.99 27.00 2.22
N ASN C 353 8.94 27.18 3.02
CA ASN C 353 8.27 26.03 3.63
C ASN C 353 6.85 25.82 3.07
N TYR C 354 6.58 26.37 1.89
CA TYR C 354 5.28 26.22 1.25
C TYR C 354 4.72 24.79 1.27
N ASP C 355 5.50 23.83 0.77
CA ASP C 355 5.06 22.44 0.75
C ASP C 355 4.66 21.85 2.10
N GLU C 356 5.49 22.01 3.12
CA GLU C 356 5.16 21.49 4.45
C GLU C 356 4.01 22.22 5.11
N THR C 357 3.96 23.52 4.90
CA THR C 357 2.92 24.36 5.48
C THR C 357 1.56 24.06 4.84
N LEU C 358 1.56 23.81 3.53
CA LEU C 358 0.31 23.47 2.83
C LEU C 358 -0.13 22.13 3.39
N SER C 359 0.83 21.23 3.52
CA SER C 359 0.54 19.92 4.06
C SER C 359 -0.09 20.01 5.44
N THR C 360 0.44 20.90 6.28
CA THR C 360 -0.10 21.08 7.64
C THR C 360 -1.51 21.65 7.60
N LEU C 361 -1.74 22.63 6.73
CA LEU C 361 -3.05 23.23 6.58
C LEU C 361 -4.06 22.16 6.13
N ARG C 362 -3.68 21.32 5.17
CA ARG C 362 -4.56 20.25 4.68
C ARG C 362 -4.86 19.26 5.80
N TYR C 363 -3.85 18.97 6.59
CA TYR C 363 -4.03 18.05 7.71
C TYR C 363 -5.03 18.63 8.71
N ALA C 364 -4.94 19.94 8.93
CA ALA C 364 -5.84 20.59 9.90
C ALA C 364 -7.24 20.68 9.34
N ASP C 365 -7.31 20.91 8.03
CA ASP C 365 -8.57 21.02 7.33
C ASP C 365 -9.32 19.69 7.40
N ARG C 366 -8.58 18.56 7.36
CA ARG C 366 -9.20 17.24 7.45
C ARG C 366 -9.69 16.93 8.85
N ALA C 367 -8.96 17.39 9.87
CA ALA C 367 -9.34 17.15 11.26
C ALA C 367 -10.81 17.52 11.36
N LYS C 368 -11.16 18.59 10.66
CA LYS C 368 -12.51 19.12 10.54
C LYS C 368 -12.95 20.20 11.51
MG MG D . 6.85 -5.97 -11.92
PG GTP E . 5.42 -3.17 -10.05
O1G GTP E . 5.61 -4.65 -10.26
O2G GTP E . 6.39 -2.58 -9.02
O3G GTP E . 4.04 -2.83 -9.47
O3B GTP E . 5.59 -2.53 -11.57
PB GTP E . 4.72 -2.95 -12.91
O1B GTP E . 5.51 -3.81 -13.80
O2B GTP E . 4.18 -1.64 -13.46
O3A GTP E . 3.47 -3.64 -12.36
PA GTP E . 2.36 -4.50 -12.94
O1A GTP E . 1.47 -4.89 -11.81
O2A GTP E . 2.88 -5.61 -13.75
O5' GTP E . 1.50 -3.45 -13.86
C5' GTP E . 0.40 -4.04 -14.51
C4' GTP E . -0.43 -3.15 -15.36
O4' GTP E . 0.10 -3.10 -16.71
C3' GTP E . -1.82 -3.75 -15.48
O3' GTP E . -2.75 -2.73 -15.76
C2' GTP E . -1.64 -4.72 -16.64
O2' GTP E . -2.90 -4.93 -17.28
C1' GTP E . -0.62 -4.02 -17.55
N9 GTP E . 0.36 -4.91 -18.20
C8 GTP E . 1.25 -5.76 -17.58
N7 GTP E . 2.00 -6.41 -18.42
C5 GTP E . 1.60 -5.99 -19.66
C6 GTP E . 2.03 -6.36 -20.92
O6 GTP E . 2.93 -7.17 -21.19
N1 GTP E . 1.36 -5.69 -21.97
C2 GTP E . 0.36 -4.76 -21.78
N2 GTP E . -0.18 -4.25 -22.86
N3 GTP E . -0.08 -4.41 -20.58
C4 GTP E . 0.57 -5.05 -19.56
PB GDP F . -0.33 -27.93 20.27
O1B GDP F . 0.35 -26.68 19.87
O2B GDP F . 0.14 -29.10 19.68
O3B GDP F . -0.37 -27.98 21.91
O3A GDP F . -1.82 -27.80 19.78
PA GDP F . -2.69 -28.79 18.75
O1A GDP F . -2.10 -28.73 17.38
O2A GDP F . -2.71 -30.16 19.40
O5' GDP F . -4.07 -28.04 18.72
C5' GDP F . -5.30 -28.75 18.41
C4' GDP F . -6.03 -28.22 17.26
O4' GDP F . -5.20 -28.39 16.05
C3' GDP F . -7.33 -29.02 16.86
O3' GDP F . -8.31 -28.01 16.44
C2' GDP F . -7.01 -29.92 15.65
O2' GDP F . -8.05 -30.19 14.69
C1' GDP F . -5.85 -29.19 14.97
N9 GDP F . -4.83 -30.07 14.39
C8 GDP F . -3.93 -30.85 15.31
N7 GDP F . -3.22 -31.43 14.24
C5 GDP F . -3.54 -31.16 12.98
C6 GDP F . -3.25 -31.41 11.62
O6 GDP F . -2.23 -32.25 11.38
N1 GDP F . -3.90 -30.84 10.58
C2 GDP F . -5.01 -29.89 10.87
N2 GDP F . -5.49 -29.49 9.73
N3 GDP F . -5.33 -29.65 12.08
C4 GDP F . -4.63 -30.21 13.08
O01 TA1 G . -3.35 -36.58 -5.70
C01 TA1 G . -3.49 -35.69 -6.81
C02 TA1 G . -5.04 -35.16 -6.77
O02 TA1 G . -5.10 -34.52 -5.44
C03 TA1 G . -5.84 -35.15 -4.42
O03 TA1 G . -6.45 -36.18 -4.57
C04 TA1 G . -5.82 -34.43 -3.18
C05 TA1 G . -5.53 -35.32 -2.05
C06 TA1 G . -5.49 -34.63 -0.71
C07 TA1 G . -5.72 -33.23 -0.59
C08 TA1 G . -5.96 -32.57 -1.63
C09 TA1 G . -6.03 -33.06 -2.96
C10 TA1 G . -5.52 -34.07 -7.87
C11 TA1 G . -6.39 -32.85 -7.27
O04 TA1 G . -5.61 -32.03 -6.31
C12 TA1 G . -4.56 -31.24 -6.71
O05 TA1 G . -4.16 -31.14 -7.83
C13 TA1 G . -4.00 -30.52 -5.50
C14 TA1 G . -7.68 -33.15 -6.46
O06 TA1 G . -8.51 -32.37 -7.35
C15 TA1 G . -7.37 -32.04 -8.16
C16 TA1 G . -7.55 -32.47 -9.65
C17 TA1 G . -6.50 -33.44 -10.16
O07 TA1 G . -6.80 -33.80 -11.52
C18 TA1 G . -6.32 -34.72 -9.21
C19 TA1 G . -7.72 -35.32 -8.89
C20 TA1 G . -5.59 -35.91 -10.03
O08 TA1 G . -6.22 -36.94 -10.25
C21 TA1 G . -4.15 -35.80 -10.53
O09 TA1 G . -3.80 -37.08 -11.22
C22 TA1 G . -3.59 -37.09 -12.58
O10 TA1 G . -3.65 -36.15 -13.30
C23 TA1 G . -3.26 -38.49 -13.04
C24 TA1 G . -3.20 -35.52 -9.35
C25 TA1 G . -2.51 -34.32 -9.31
C26 TA1 G . -1.69 -34.04 -8.01
O11 TA1 G . -1.28 -32.63 -7.85
C27 TA1 G . -0.08 -32.28 -8.28
O12 TA1 G . 0.73 -32.97 -8.81
C28 TA1 G . 0.18 -30.78 -7.99
O13 TA1 G . 1.49 -30.48 -8.43
C29 TA1 G . -0.01 -30.54 -6.47
N01 TA1 G . 0.82 -31.52 -5.78
C30 TA1 G . 0.54 -31.97 -4.53
O14 TA1 G . -0.41 -31.59 -3.87
C31 TA1 G . 1.50 -33.01 -4.04
C32 TA1 G . 2.86 -32.78 -3.87
C33 TA1 G . 3.72 -33.82 -3.40
C34 TA1 G . 3.18 -35.10 -3.10
C35 TA1 G . 1.82 -35.33 -3.26
C36 TA1 G . 0.96 -34.32 -3.72
C37 TA1 G . 0.29 -29.08 -6.10
C38 TA1 G . -0.79 -28.18 -6.08
C39 TA1 G . -0.59 -26.81 -5.75
C40 TA1 G . 0.70 -26.35 -5.42
C41 TA1 G . 1.76 -27.24 -5.43
C42 TA1 G . 1.57 -28.62 -5.76
C43 TA1 G . -2.52 -34.41 -6.73
C44 TA1 G . -2.54 -33.21 -10.37
C45 TA1 G . -3.09 -36.57 -8.15
C46 TA1 G . -1.59 -37.13 -8.09
C47 TA1 G . -3.92 -37.87 -8.21
MG MG H . 9.41 21.47 19.80
PB ADP I . 8.49 23.43 17.03
O1B ADP I . 9.49 22.65 16.34
O2B ADP I . 7.24 23.84 16.30
O3B ADP I . 8.25 22.77 18.42
PA ADP I . 9.52 25.43 18.80
O1A ADP I . 8.12 25.95 19.25
O2A ADP I . 10.76 26.01 18.73
O3A ADP I . 9.43 24.50 17.41
O5' ADP I . 9.25 26.86 17.81
C5' ADP I . 10.24 27.44 16.79
C4' ADP I . 11.01 28.68 17.26
O4' ADP I . 10.24 29.86 17.00
C3' ADP I . 11.39 28.96 18.75
O3' ADP I . 12.68 29.61 18.75
C2' ADP I . 10.33 29.99 19.34
O2' ADP I . 10.87 30.86 20.37
C1' ADP I . 9.88 30.79 18.08
N9 ADP I . 8.40 31.03 18.03
C8 ADP I . 7.46 30.21 17.55
N7 ADP I . 6.28 30.70 17.63
C5 ADP I . 6.48 31.98 18.15
C6 ADP I . 5.55 33.10 18.47
N6 ADP I . 4.22 33.09 18.17
N1 ADP I . 6.11 34.23 19.00
C2 ADP I . 7.42 34.27 19.27
N3 ADP I . 8.32 33.28 19.04
C4 ADP I . 7.78 32.18 18.45
#